data_8A04
#
_entry.id   8A04
#
_cell.length_a   1.00
_cell.length_b   1.00
_cell.length_c   1.00
_cell.angle_alpha   90.00
_cell.angle_beta   90.00
_cell.angle_gamma   90.00
#
_symmetry.space_group_name_H-M   'P 1'
#
_entity_poly.entity_id   1
_entity_poly.type   'polypeptide(L)'
_entity_poly.pdbx_seq_one_letter_code
;MKIATITGVTKSPELQVTKAIGALILSSDVALSALTTEKISIYIERGNGSNVILANKVLLKDFILASTYGTENTQSDADN
AMIALCELADEGSIYLADKESIKITLEDLISDKRYDLHGIEEPQQTNNLFFFEQKSVASEEFNKKIDVQGFDLAIMTVDD
SVSDLSYQYSNGQVVKYLPFELQTLSRDIDPIQAVLSDGKVVQGLTDRLTLPLVAVVGIEINKSQGSIINFVVRCLKTV
;
_entity_poly.pdbx_strand_id   I,H,G
#
# COMPACT_ATOMS: atom_id res chain seq x y z
N MET A 1 -26.16 -3.19 9.18
CA MET A 1 -27.40 -3.94 9.04
C MET A 1 -27.33 -4.89 7.85
N LYS A 2 -27.90 -6.08 8.01
CA LYS A 2 -27.95 -7.07 6.94
C LYS A 2 -29.18 -6.81 6.08
N ILE A 3 -28.99 -6.79 4.76
CA ILE A 3 -30.08 -6.49 3.85
C ILE A 3 -30.73 -7.79 3.38
N ALA A 4 -29.96 -8.66 2.74
CA ALA A 4 -30.52 -9.90 2.23
C ALA A 4 -29.43 -10.90 1.90
N THR A 5 -29.85 -12.16 1.81
CA THR A 5 -29.03 -13.25 1.27
C THR A 5 -29.82 -13.92 0.16
N ILE A 6 -29.15 -14.23 -0.94
CA ILE A 6 -29.78 -14.77 -2.13
C ILE A 6 -29.13 -16.10 -2.46
N THR A 7 -29.96 -17.13 -2.66
CA THR A 7 -29.50 -18.45 -3.04
C THR A 7 -30.64 -19.18 -3.73
N GLY A 8 -30.29 -20.04 -4.67
CA GLY A 8 -31.27 -20.81 -5.42
C GLY A 8 -31.92 -20.09 -6.58
N VAL A 9 -32.43 -18.89 -6.32
CA VAL A 9 -33.17 -18.12 -7.32
C VAL A 9 -32.19 -17.38 -8.22
N THR A 10 -32.58 -17.18 -9.47
CA THR A 10 -31.76 -16.45 -10.43
C THR A 10 -32.01 -14.96 -10.43
N LYS A 11 -33.05 -14.49 -9.74
CA LYS A 11 -33.40 -13.09 -9.69
C LYS A 11 -33.75 -12.70 -8.27
N SER A 12 -33.33 -11.53 -7.86
CA SER A 12 -33.55 -11.15 -6.47
C SER A 12 -34.82 -10.34 -6.31
N PRO A 13 -35.45 -10.41 -5.13
CA PRO A 13 -36.57 -9.51 -4.85
C PRO A 13 -36.10 -8.08 -4.74
N GLU A 14 -37.02 -7.15 -4.98
CA GLU A 14 -36.69 -5.73 -4.92
C GLU A 14 -36.57 -5.32 -3.45
N LEU A 15 -35.36 -4.96 -3.03
CA LEU A 15 -35.03 -4.79 -1.62
C LEU A 15 -35.09 -3.31 -1.23
N GLN A 16 -35.84 -3.01 -0.18
CA GLN A 16 -36.09 -1.65 0.26
C GLN A 16 -35.35 -1.37 1.56
N VAL A 17 -34.63 -0.25 1.61
CA VAL A 17 -33.93 0.22 2.78
C VAL A 17 -34.47 1.59 3.15
N THR A 18 -34.93 1.73 4.39
CA THR A 18 -35.47 2.99 4.88
C THR A 18 -34.49 3.75 5.77
N LYS A 19 -33.49 3.08 6.32
CA LYS A 19 -32.44 3.75 7.05
C LYS A 19 -31.41 4.32 6.09
N ALA A 20 -30.94 5.53 6.38
CA ALA A 20 -29.98 6.19 5.50
C ALA A 20 -28.62 5.50 5.63
N ILE A 21 -28.19 4.85 4.56
CA ILE A 21 -26.91 4.16 4.54
C ILE A 21 -25.91 5.00 3.76
N GLY A 22 -24.64 4.62 3.84
CA GLY A 22 -23.60 5.35 3.14
C GLY A 22 -22.71 4.47 2.30
N ALA A 23 -22.79 3.16 2.49
CA ALA A 23 -22.01 2.24 1.68
C ALA A 23 -22.65 0.86 1.69
N LEU A 24 -22.29 0.06 0.69
CA LEU A 24 -22.78 -1.31 0.56
C LEU A 24 -21.61 -2.27 0.72
N ILE A 25 -21.88 -3.42 1.31
CA ILE A 25 -20.91 -4.50 1.43
C ILE A 25 -21.47 -5.68 0.64
N LEU A 26 -20.75 -6.06 -0.41
CA LEU A 26 -21.18 -7.14 -1.29
C LEU A 26 -20.28 -8.34 -1.04
N SER A 27 -20.87 -9.46 -0.66
CA SER A 27 -20.10 -10.66 -0.36
C SER A 27 -20.65 -11.83 -1.15
N SER A 28 -19.76 -12.71 -1.59
CA SER A 28 -20.16 -13.88 -2.35
C SER A 28 -19.09 -14.96 -2.22
N ASP A 29 -19.47 -16.17 -2.59
CA ASP A 29 -18.56 -17.31 -2.50
C ASP A 29 -17.82 -17.58 -3.80
N VAL A 30 -18.01 -16.77 -4.83
CA VAL A 30 -17.27 -16.89 -6.08
C VAL A 30 -16.22 -15.80 -6.12
N ALA A 31 -15.06 -16.14 -6.66
CA ALA A 31 -13.95 -15.21 -6.70
C ALA A 31 -14.26 -14.06 -7.66
N LEU A 32 -13.46 -13.00 -7.55
CA LEU A 32 -13.70 -11.82 -8.37
C LEU A 32 -13.55 -12.13 -9.85
N SER A 33 -12.66 -13.06 -10.19
CA SER A 33 -12.46 -13.43 -11.58
C SER A 33 -13.57 -14.30 -12.14
N ALA A 34 -14.36 -14.95 -11.29
CA ALA A 34 -15.39 -15.86 -11.74
C ALA A 34 -16.75 -15.21 -11.96
N LEU A 35 -16.91 -13.94 -11.60
CA LEU A 35 -18.17 -13.24 -11.85
C LEU A 35 -18.39 -13.08 -13.35
N THR A 36 -19.56 -13.47 -13.83
CA THR A 36 -19.81 -13.58 -15.27
C THR A 36 -20.85 -12.59 -15.77
N THR A 37 -22.08 -12.61 -15.25
CA THR A 37 -23.13 -11.76 -15.80
C THR A 37 -24.03 -11.12 -14.75
N GLU A 38 -23.63 -11.11 -13.48
CA GLU A 38 -24.46 -10.53 -12.43
C GLU A 38 -24.57 -9.03 -12.62
N LYS A 39 -25.78 -8.49 -12.44
CA LYS A 39 -26.04 -7.07 -12.63
C LYS A 39 -26.73 -6.51 -11.40
N ILE A 40 -26.50 -5.23 -11.13
CA ILE A 40 -27.07 -4.56 -9.97
C ILE A 40 -27.76 -3.28 -10.42
N SER A 41 -28.83 -2.91 -9.70
CA SER A 41 -29.54 -1.67 -9.94
C SER A 41 -29.89 -1.04 -8.60
N ILE A 42 -29.62 0.26 -8.49
CA ILE A 42 -29.86 1.02 -7.26
C ILE A 42 -30.58 2.29 -7.63
N TYR A 43 -31.62 2.64 -6.86
CA TYR A 43 -32.24 3.95 -7.06
C TYR A 43 -32.97 4.43 -5.82
N ILE A 44 -33.04 5.74 -5.69
CA ILE A 44 -33.75 6.41 -4.61
C ILE A 44 -35.14 6.75 -5.12
N GLU A 45 -36.17 6.34 -4.38
CA GLU A 45 -37.55 6.53 -4.78
C GLU A 45 -38.13 7.71 -4.01
N ARG A 46 -38.74 8.65 -4.74
CA ARG A 46 -39.44 9.73 -4.07
C ARG A 46 -40.94 9.49 -4.07
N GLY A 47 -41.61 9.99 -3.04
CA GLY A 47 -43.05 9.82 -2.95
C GLY A 47 -43.80 10.53 -4.06
N ASN A 48 -43.44 11.78 -4.32
CA ASN A 48 -44.02 12.57 -5.40
C ASN A 48 -42.89 13.08 -6.29
N GLY A 49 -42.95 12.75 -7.57
CA GLY A 49 -41.96 13.19 -8.52
C GLY A 49 -41.30 12.02 -9.20
N SER A 50 -40.14 12.28 -9.79
CA SER A 50 -39.38 11.26 -10.50
C SER A 50 -38.28 10.70 -9.61
N ASN A 51 -37.97 9.42 -9.82
CA ASN A 51 -36.95 8.76 -9.01
C ASN A 51 -35.55 9.25 -9.41
N VAL A 52 -34.60 9.02 -8.52
CA VAL A 52 -33.18 9.26 -8.82
C VAL A 52 -32.51 7.92 -9.07
N ILE A 53 -31.97 7.75 -10.26
CA ILE A 53 -31.32 6.51 -10.66
C ILE A 53 -29.82 6.70 -10.59
N LEU A 54 -29.17 5.92 -9.74
CA LEU A 54 -27.71 5.95 -9.60
C LEU A 54 -27.02 4.91 -10.46
N ALA A 55 -27.43 3.64 -10.37
CA ALA A 55 -26.90 2.57 -11.19
C ALA A 55 -28.05 1.83 -11.82
N ASN A 56 -27.99 1.64 -13.13
CA ASN A 56 -29.07 1.02 -13.89
C ASN A 56 -28.53 -0.22 -14.58
N LYS A 57 -28.68 -1.36 -13.92
CA LYS A 57 -28.26 -2.66 -14.45
C LYS A 57 -26.78 -2.64 -14.86
N VAL A 58 -25.94 -2.24 -13.92
CA VAL A 58 -24.50 -2.19 -14.12
C VAL A 58 -23.91 -3.54 -13.79
N LEU A 59 -22.92 -3.96 -14.57
CA LEU A 59 -22.26 -5.24 -14.33
C LEU A 59 -21.58 -5.23 -12.97
N LEU A 60 -21.59 -6.40 -12.32
CA LEU A 60 -21.12 -6.48 -10.94
C LEU A 60 -19.61 -6.28 -10.86
N LYS A 61 -18.88 -6.84 -11.83
CA LYS A 61 -17.43 -6.64 -11.86
C LYS A 61 -17.07 -5.16 -12.00
N ASP A 62 -17.75 -4.45 -12.90
CA ASP A 62 -17.45 -3.04 -13.09
C ASP A 62 -17.87 -2.22 -11.87
N PHE A 63 -18.99 -2.57 -11.25
CA PHE A 63 -19.40 -1.89 -10.02
C PHE A 63 -18.37 -2.06 -8.92
N ILE A 64 -17.81 -3.26 -8.78
CA ILE A 64 -16.83 -3.50 -7.74
C ILE A 64 -15.52 -2.79 -8.07
N LEU A 65 -15.07 -2.88 -9.32
CA LEU A 65 -13.81 -2.27 -9.71
C LEU A 65 -13.85 -0.75 -9.67
N ALA A 66 -15.00 -0.13 -9.91
CA ALA A 66 -15.11 1.32 -9.91
C ALA A 66 -15.02 1.92 -8.52
N SER A 67 -15.13 1.12 -7.47
CA SER A 67 -15.16 1.64 -6.10
C SER A 67 -13.96 1.24 -5.27
N THR A 68 -13.21 0.21 -5.66
CA THR A 68 -12.09 -0.29 -4.89
C THR A 68 -10.77 0.03 -5.57
N TYR A 69 -10.70 1.18 -6.24
CA TYR A 69 -9.48 1.63 -6.89
C TYR A 69 -8.79 2.64 -5.97
N GLY A 70 -7.58 2.32 -5.55
CA GLY A 70 -6.86 3.13 -4.59
C GLY A 70 -6.17 2.28 -3.54
N THR A 71 -6.11 2.77 -2.30
CA THR A 71 -5.44 2.03 -1.24
C THR A 71 -6.12 0.68 -0.97
N GLU A 72 -7.46 0.67 -0.98
CA GLU A 72 -8.21 -0.52 -0.65
C GLU A 72 -8.18 -1.53 -1.80
N ASN A 73 -8.62 -2.75 -1.48
CA ASN A 73 -8.77 -3.80 -2.47
C ASN A 73 -9.70 -4.87 -1.92
N THR A 74 -10.32 -5.63 -2.82
CA THR A 74 -11.30 -6.62 -2.40
C THR A 74 -10.65 -7.70 -1.56
N GLN A 75 -11.29 -8.04 -0.45
CA GLN A 75 -10.70 -8.97 0.52
C GLN A 75 -11.38 -10.33 0.42
N SER A 76 -10.84 -11.28 1.17
CA SER A 76 -11.31 -12.66 1.16
C SER A 76 -11.39 -13.17 2.58
N ASP A 77 -11.99 -14.34 2.75
CA ASP A 77 -12.26 -14.89 4.08
C ASP A 77 -12.36 -16.40 3.97
N ALA A 78 -12.34 -17.07 5.12
CA ALA A 78 -12.52 -18.51 5.15
C ALA A 78 -13.90 -18.90 4.62
N ASP A 79 -14.93 -18.16 5.01
CA ASP A 79 -16.29 -18.42 4.56
C ASP A 79 -16.59 -17.75 3.22
N ASN A 80 -16.35 -16.45 3.11
CA ASN A 80 -16.60 -15.69 1.90
C ASN A 80 -15.37 -15.70 1.01
N ALA A 81 -15.56 -16.02 -0.26
CA ALA A 81 -14.47 -15.98 -1.23
C ALA A 81 -14.34 -14.63 -1.93
N MET A 82 -15.23 -13.69 -1.65
CA MET A 82 -15.13 -12.34 -2.21
C MET A 82 -15.90 -11.38 -1.31
N ILE A 83 -15.22 -10.34 -0.82
CA ILE A 83 -15.84 -9.30 -0.03
C ILE A 83 -15.40 -7.96 -0.60
N ALA A 84 -16.36 -7.10 -0.93
CA ALA A 84 -16.07 -5.78 -1.48
C ALA A 84 -16.92 -4.73 -0.78
N LEU A 85 -16.35 -3.54 -0.61
CA LEU A 85 -17.05 -2.41 -0.03
C LEU A 85 -17.17 -1.31 -1.07
N CYS A 86 -18.40 -0.93 -1.40
CA CYS A 86 -18.67 0.04 -2.44
C CYS A 86 -19.37 1.25 -1.84
N GLU A 87 -18.75 2.41 -1.96
CA GLU A 87 -19.31 3.64 -1.42
C GLU A 87 -20.31 4.26 -2.39
N LEU A 88 -21.38 4.84 -1.84
CA LEU A 88 -22.44 5.45 -2.63
C LEU A 88 -22.50 6.96 -2.48
N ALA A 89 -21.87 7.53 -1.46
CA ALA A 89 -21.83 8.96 -1.24
C ALA A 89 -20.39 9.37 -0.95
N ASP A 90 -20.13 10.68 -1.00
CA ASP A 90 -18.75 11.16 -1.01
C ASP A 90 -18.07 10.96 0.34
N GLU A 91 -18.57 11.61 1.39
CA GLU A 91 -18.00 11.42 2.72
C GLU A 91 -19.03 11.13 3.80
N GLY A 92 -20.28 10.84 3.44
CA GLY A 92 -21.29 10.56 4.44
C GLY A 92 -22.34 9.57 3.98
N SER A 93 -23.57 9.78 4.37
CA SER A 93 -24.69 8.93 3.99
C SER A 93 -25.75 9.76 3.30
N ILE A 94 -26.50 9.10 2.42
CA ILE A 94 -27.55 9.78 1.65
C ILE A 94 -28.57 10.37 2.61
N TYR A 95 -28.95 11.63 2.36
CA TYR A 95 -29.94 12.32 3.18
C TYR A 95 -31.32 11.99 2.64
N LEU A 96 -32.06 11.15 3.37
CA LEU A 96 -33.42 10.81 2.98
C LEU A 96 -34.41 11.79 3.59
N ALA A 97 -35.20 12.43 2.74
CA ALA A 97 -36.20 13.38 3.18
C ALA A 97 -37.50 12.64 3.49
N ASP A 98 -38.60 13.39 3.58
CA ASP A 98 -39.83 12.90 4.21
C ASP A 98 -40.39 11.62 3.58
N LYS A 99 -40.19 11.39 2.28
CA LYS A 99 -40.88 10.27 1.65
C LYS A 99 -39.99 9.47 0.70
N GLU A 100 -38.71 9.32 1.01
CA GLU A 100 -37.81 8.56 0.16
C GLU A 100 -37.28 7.31 0.84
N SER A 101 -36.89 6.33 0.02
CA SER A 101 -36.23 5.13 0.46
C SER A 101 -35.35 4.61 -0.67
N ILE A 102 -34.33 3.84 -0.32
CA ILE A 102 -33.40 3.29 -1.31
C ILE A 102 -33.89 1.91 -1.71
N LYS A 103 -33.78 1.58 -2.99
CA LYS A 103 -34.14 0.24 -3.43
C LYS A 103 -33.02 -0.33 -4.29
N ILE A 104 -32.64 -1.57 -3.97
CA ILE A 104 -31.56 -2.28 -4.63
C ILE A 104 -32.13 -3.57 -5.18
N THR A 105 -31.67 -3.96 -6.37
CA THR A 105 -32.08 -5.23 -6.96
C THR A 105 -30.91 -5.84 -7.73
N LEU A 106 -30.92 -7.17 -7.83
CA LEU A 106 -29.88 -7.94 -8.48
C LEU A 106 -30.51 -8.80 -9.57
N GLU A 107 -29.85 -8.89 -10.72
CA GLU A 107 -30.37 -9.61 -11.86
C GLU A 107 -29.30 -10.49 -12.46
N ASP A 108 -29.74 -11.55 -13.16
CA ASP A 108 -28.87 -12.46 -13.89
C ASP A 108 -27.84 -13.12 -12.96
N LEU A 109 -28.36 -13.86 -11.99
CA LEU A 109 -27.56 -14.55 -11.01
C LEU A 109 -27.36 -16.01 -11.44
N ILE A 110 -26.78 -16.81 -10.57
CA ILE A 110 -26.58 -18.24 -10.80
C ILE A 110 -27.38 -19.01 -9.75
N SER A 111 -27.89 -20.18 -10.14
CA SER A 111 -28.79 -20.92 -9.25
C SER A 111 -28.04 -21.48 -8.04
N ASP A 112 -26.84 -22.02 -8.24
CA ASP A 112 -26.14 -22.75 -7.20
C ASP A 112 -25.09 -21.91 -6.48
N LYS A 113 -25.30 -20.60 -6.40
CA LYS A 113 -24.38 -19.70 -5.71
C LYS A 113 -25.13 -18.93 -4.63
N ARG A 114 -24.39 -18.09 -3.91
CA ARG A 114 -24.92 -17.31 -2.80
C ARG A 114 -24.39 -15.89 -2.86
N TYR A 115 -25.25 -14.92 -2.58
CA TYR A 115 -24.87 -13.50 -2.62
C TYR A 115 -25.48 -12.78 -1.43
N ASP A 116 -24.66 -12.08 -0.66
CA ASP A 116 -25.12 -11.39 0.54
C ASP A 116 -24.85 -9.89 0.44
N LEU A 117 -25.82 -9.11 0.92
CA LEU A 117 -25.74 -7.65 0.94
C LEU A 117 -25.75 -7.14 2.37
N HIS A 118 -24.93 -6.13 2.64
CA HIS A 118 -24.91 -5.46 3.94
C HIS A 118 -24.88 -3.96 3.73
N GLY A 119 -25.35 -3.21 4.71
CA GLY A 119 -25.41 -1.75 4.64
C GLY A 119 -24.54 -1.13 5.71
N ILE A 120 -23.96 0.03 5.38
CA ILE A 120 -23.10 0.78 6.29
C ILE A 120 -23.60 2.22 6.33
N GLU A 121 -23.86 2.73 7.53
CA GLU A 121 -24.33 4.08 7.75
C GLU A 121 -23.30 4.87 8.56
N GLU A 122 -23.34 6.19 8.40
CA GLU A 122 -22.31 7.05 8.96
C GLU A 122 -22.93 8.20 9.74
N PRO A 123 -22.19 8.77 10.70
CA PRO A 123 -22.73 9.91 11.47
C PRO A 123 -23.04 11.13 10.63
N GLN A 124 -22.31 11.35 9.54
CA GLN A 124 -22.54 12.52 8.70
C GLN A 124 -23.56 12.21 7.61
N GLN A 125 -24.28 13.23 7.17
CA GLN A 125 -25.17 13.14 6.03
C GLN A 125 -24.74 14.14 4.96
N THR A 126 -24.86 13.72 3.70
CA THR A 126 -24.33 14.51 2.60
C THR A 126 -25.33 14.51 1.45
N ASN A 127 -25.12 15.44 0.53
CA ASN A 127 -25.99 15.58 -0.64
C ASN A 127 -25.33 15.11 -1.94
N ASN A 128 -24.00 15.04 -1.99
CA ASN A 128 -23.32 14.60 -3.19
C ASN A 128 -23.36 13.09 -3.30
N LEU A 129 -23.74 12.57 -4.47
CA LEU A 129 -23.89 11.15 -4.69
C LEU A 129 -23.10 10.72 -5.91
N PHE A 130 -22.87 9.41 -6.00
CA PHE A 130 -22.13 8.78 -7.08
C PHE A 130 -23.11 8.20 -8.10
N PHE A 131 -22.92 8.57 -9.36
CA PHE A 131 -23.73 8.08 -10.47
C PHE A 131 -22.86 7.24 -11.39
N PHE A 132 -23.39 6.12 -11.87
CA PHE A 132 -22.70 5.23 -12.78
C PHE A 132 -23.39 5.25 -14.14
N GLU A 133 -22.65 5.56 -15.19
CA GLU A 133 -23.17 5.57 -16.55
C GLU A 133 -22.34 4.62 -17.41
N GLN A 134 -22.90 4.27 -18.57
CA GLN A 134 -22.28 3.31 -19.47
C GLN A 134 -22.22 3.85 -20.89
N LYS A 135 -21.05 3.73 -21.51
CA LYS A 135 -20.84 4.05 -22.91
C LYS A 135 -20.34 2.79 -23.61
N SER A 136 -20.59 2.70 -24.91
CA SER A 136 -20.29 1.47 -25.63
C SER A 136 -19.83 1.77 -27.05
N VAL A 137 -18.97 0.90 -27.57
CA VAL A 137 -18.52 0.95 -28.95
C VAL A 137 -18.91 -0.37 -29.59
N ALA A 138 -19.64 -0.30 -30.70
CA ALA A 138 -20.19 -1.47 -31.34
C ALA A 138 -19.08 -2.34 -31.95
N SER A 139 -19.47 -3.54 -32.37
CA SER A 139 -18.52 -4.52 -32.88
C SER A 139 -18.19 -4.33 -34.35
N GLU A 140 -18.81 -3.36 -35.02
CA GLU A 140 -18.54 -3.11 -36.42
C GLU A 140 -17.83 -1.80 -36.68
N GLU A 141 -17.95 -0.82 -35.78
CA GLU A 141 -17.29 0.46 -35.96
C GLU A 141 -15.78 0.32 -35.81
N PHE A 142 -15.05 1.17 -36.54
CA PHE A 142 -13.59 1.17 -36.49
C PHE A 142 -13.06 2.18 -35.49
N ASN A 143 -13.43 3.45 -35.65
CA ASN A 143 -12.95 4.54 -34.82
C ASN A 143 -14.14 5.16 -34.09
N LYS A 144 -13.97 5.44 -32.80
CA LYS A 144 -15.06 5.99 -32.00
C LYS A 144 -14.54 7.11 -31.12
N LYS A 145 -15.37 8.14 -30.95
CA LYS A 145 -15.08 9.26 -30.07
C LYS A 145 -16.09 9.27 -28.93
N ILE A 146 -15.60 9.35 -27.69
CA ILE A 146 -16.42 9.30 -26.50
C ILE A 146 -16.12 10.51 -25.64
N ASP A 147 -17.18 11.12 -25.10
CA ASP A 147 -17.06 12.27 -24.22
C ASP A 147 -17.01 11.77 -22.78
N VAL A 148 -15.94 12.11 -22.08
CA VAL A 148 -15.75 11.70 -20.69
C VAL A 148 -15.49 12.93 -19.84
N GLN A 149 -16.02 14.07 -20.25
CA GLN A 149 -15.82 15.30 -19.51
C GLN A 149 -16.62 15.25 -18.20
N GLY A 150 -15.97 15.65 -17.11
CA GLY A 150 -16.59 15.70 -15.81
C GLY A 150 -16.50 14.42 -15.00
N PHE A 151 -15.98 13.34 -15.59
CA PHE A 151 -15.86 12.05 -14.91
C PHE A 151 -14.48 11.93 -14.29
N ASP A 152 -14.40 11.11 -13.24
CA ASP A 152 -13.16 10.91 -12.51
C ASP A 152 -12.67 9.48 -12.49
N LEU A 153 -13.32 8.56 -13.19
CA LEU A 153 -12.88 7.19 -13.27
C LEU A 153 -13.61 6.50 -14.42
N ALA A 154 -12.94 5.54 -15.05
CA ALA A 154 -13.55 4.76 -16.11
C ALA A 154 -13.03 3.34 -16.03
N ILE A 155 -13.84 2.40 -16.51
CA ILE A 155 -13.47 0.99 -16.58
C ILE A 155 -13.72 0.52 -18.00
N MET A 156 -12.70 -0.05 -18.62
CA MET A 156 -12.75 -0.45 -20.02
C MET A 156 -12.66 -1.96 -20.14
N THR A 157 -13.44 -2.52 -21.07
CA THR A 157 -13.32 -3.93 -21.42
C THR A 157 -12.03 -4.15 -22.19
N VAL A 158 -11.17 -5.02 -21.68
CA VAL A 158 -9.89 -5.32 -22.32
C VAL A 158 -10.11 -6.38 -23.38
N ASP A 159 -9.85 -6.01 -24.63
CA ASP A 159 -9.97 -6.91 -25.76
C ASP A 159 -8.75 -6.79 -26.66
N ASP A 160 -8.41 -7.87 -27.35
CA ASP A 160 -7.28 -7.86 -28.26
C ASP A 160 -7.54 -7.00 -29.49
N SER A 161 -8.80 -6.69 -29.80
CA SER A 161 -9.10 -5.89 -30.97
C SER A 161 -8.60 -4.46 -30.81
N VAL A 162 -8.61 -3.94 -29.57
CA VAL A 162 -8.24 -2.55 -29.35
C VAL A 162 -6.76 -2.35 -29.69
N SER A 163 -6.48 -1.34 -30.51
CA SER A 163 -5.12 -1.06 -30.93
C SER A 163 -4.59 0.21 -30.26
N ASP A 164 -5.35 1.29 -30.36
CA ASP A 164 -4.88 2.60 -29.91
C ASP A 164 -5.96 3.31 -29.13
N LEU A 165 -5.55 4.15 -28.17
CA LEU A 165 -6.50 4.91 -27.38
C LEU A 165 -5.87 6.24 -27.02
N SER A 166 -6.53 7.34 -27.37
CA SER A 166 -5.94 8.67 -27.23
C SER A 166 -6.80 9.53 -26.32
N TYR A 167 -6.15 10.30 -25.45
CA TYR A 167 -6.78 11.25 -24.56
C TYR A 167 -6.74 12.64 -25.18
N GLN A 168 -7.70 13.48 -24.77
CA GLN A 168 -7.64 14.91 -25.02
C GLN A 168 -7.80 15.61 -23.68
N TYR A 169 -6.84 16.46 -23.33
CA TYR A 169 -6.82 17.08 -22.01
C TYR A 169 -7.49 18.45 -22.05
N SER A 170 -7.62 19.05 -20.87
CA SER A 170 -8.32 20.32 -20.75
C SER A 170 -7.61 21.45 -21.49
N ASN A 171 -6.29 21.35 -21.65
CA ASN A 171 -5.54 22.40 -22.32
C ASN A 171 -5.40 22.19 -23.82
N GLY A 172 -6.02 21.15 -24.37
CA GLY A 172 -6.07 20.95 -25.80
C GLY A 172 -5.11 19.91 -26.36
N GLN A 173 -4.13 19.47 -25.57
CA GLN A 173 -3.17 18.51 -26.08
C GLN A 173 -3.82 17.15 -26.26
N VAL A 174 -3.28 16.35 -27.18
CA VAL A 174 -3.75 15.00 -27.44
C VAL A 174 -2.56 14.06 -27.30
N VAL A 175 -2.73 13.03 -26.47
CA VAL A 175 -1.69 12.03 -26.21
C VAL A 175 -2.24 10.68 -26.65
N LYS A 176 -1.38 9.85 -27.23
CA LYS A 176 -1.77 8.56 -27.75
C LYS A 176 -1.14 7.45 -26.93
N TYR A 177 -1.93 6.44 -26.58
CA TYR A 177 -1.49 5.35 -25.73
C TYR A 177 -1.79 4.01 -26.37
N LEU A 178 -0.95 3.05 -26.04
CA LEU A 178 -1.12 1.64 -26.33
C LEU A 178 -1.74 0.94 -25.13
N PRO A 179 -2.36 -0.23 -25.33
CA PRO A 179 -2.91 -0.96 -24.19
C PRO A 179 -1.87 -1.29 -23.13
N PHE A 180 -0.65 -1.63 -23.54
CA PHE A 180 0.40 -1.96 -22.58
C PHE A 180 0.77 -0.75 -21.73
N GLU A 181 0.94 0.42 -22.36
CA GLU A 181 1.23 1.63 -21.61
C GLU A 181 0.09 2.02 -20.69
N LEU A 182 -1.15 1.87 -21.15
CA LEU A 182 -2.29 2.16 -20.30
C LEU A 182 -2.32 1.25 -19.08
N GLN A 183 -2.06 -0.04 -19.28
CA GLN A 183 -2.04 -0.98 -18.16
C GLN A 183 -0.94 -0.64 -17.17
N THR A 184 0.26 -0.30 -17.68
CA THR A 184 1.36 0.03 -16.79
C THR A 184 1.07 1.29 -15.99
N LEU A 185 0.55 2.34 -16.64
CA LEU A 185 0.21 3.56 -15.92
C LEU A 185 -0.91 3.31 -14.92
N SER A 186 -1.83 2.38 -15.22
CA SER A 186 -2.89 2.07 -14.28
C SER A 186 -2.34 1.39 -13.04
N ARG A 187 -1.50 0.36 -13.23
CA ARG A 187 -0.94 -0.35 -12.09
C ARG A 187 0.09 0.47 -11.33
N ASP A 188 0.62 1.54 -11.93
CA ASP A 188 1.58 2.39 -11.22
C ASP A 188 0.92 3.06 -10.01
N ILE A 189 -0.36 3.38 -10.11
CA ILE A 189 -1.05 4.00 -8.98
C ILE A 189 -1.49 2.96 -7.97
N ASP A 190 -2.32 2.00 -8.39
CA ASP A 190 -2.78 0.94 -7.51
C ASP A 190 -2.16 -0.39 -7.96
N PRO A 191 -1.10 -0.86 -7.30
CA PRO A 191 -0.45 -2.09 -7.78
C PRO A 191 -1.25 -3.35 -7.53
N ILE A 192 -1.99 -3.42 -6.43
CA ILE A 192 -2.69 -4.64 -6.03
C ILE A 192 -4.19 -4.39 -6.16
N GLN A 193 -4.86 -5.26 -6.91
CA GLN A 193 -6.30 -5.14 -7.13
C GLN A 193 -7.12 -6.08 -6.25
N ALA A 194 -6.59 -7.25 -5.90
CA ALA A 194 -7.32 -8.15 -5.03
C ALA A 194 -6.34 -9.09 -4.34
N VAL A 195 -6.78 -9.62 -3.19
CA VAL A 195 -6.03 -10.60 -2.43
C VAL A 195 -6.90 -11.84 -2.29
N LEU A 196 -6.36 -12.99 -2.67
CA LEU A 196 -7.12 -14.22 -2.66
C LEU A 196 -7.07 -14.87 -1.27
N SER A 197 -7.80 -15.98 -1.15
CA SER A 197 -7.93 -16.64 0.16
C SER A 197 -6.66 -17.41 0.53
N ASP A 198 -6.01 -18.04 -0.45
CA ASP A 198 -4.84 -18.84 -0.15
C ASP A 198 -3.64 -17.97 0.22
N GLY A 199 -3.66 -16.69 -0.15
CA GLY A 199 -2.59 -15.77 0.22
C GLY A 199 -2.00 -15.02 -0.95
N LYS A 200 -2.25 -15.50 -2.15
CA LYS A 200 -1.70 -14.88 -3.35
C LYS A 200 -2.44 -13.59 -3.67
N VAL A 201 -1.73 -12.67 -4.31
CA VAL A 201 -2.30 -11.38 -4.72
C VAL A 201 -2.47 -11.39 -6.23
N VAL A 202 -3.45 -10.62 -6.71
CA VAL A 202 -3.69 -10.45 -8.14
C VAL A 202 -3.76 -8.96 -8.43
N GLN A 203 -2.96 -8.51 -9.39
CA GLN A 203 -2.78 -7.11 -9.69
C GLN A 203 -3.79 -6.56 -10.69
N GLY A 204 -4.58 -7.43 -11.31
CA GLY A 204 -5.57 -6.97 -12.26
C GLY A 204 -6.25 -8.10 -13.01
N LEU A 205 -7.51 -7.92 -13.34
CA LEU A 205 -8.23 -8.91 -14.12
C LEU A 205 -7.71 -8.92 -15.55
N THR A 206 -7.81 -10.09 -16.19
CA THR A 206 -7.30 -10.26 -17.54
C THR A 206 -8.25 -9.72 -18.60
N ASP A 207 -9.43 -9.24 -18.21
CA ASP A 207 -10.40 -8.73 -19.16
C ASP A 207 -11.00 -7.38 -18.78
N ARG A 208 -10.44 -6.68 -17.80
CA ARG A 208 -10.93 -5.36 -17.40
C ARG A 208 -9.74 -4.46 -17.07
N LEU A 209 -9.88 -3.16 -17.34
CA LEU A 209 -8.85 -2.19 -17.02
C LEU A 209 -9.48 -0.97 -16.37
N THR A 210 -8.77 -0.35 -15.44
CA THR A 210 -9.26 0.82 -14.72
C THR A 210 -8.42 2.03 -15.10
N LEU A 211 -9.09 3.13 -15.46
CA LEU A 211 -8.45 4.33 -15.96
C LEU A 211 -8.84 5.50 -15.09
N PRO A 212 -7.89 6.15 -14.40
CA PRO A 212 -8.21 7.40 -13.69
C PRO A 212 -8.14 8.58 -14.64
N LEU A 213 -9.28 9.24 -14.84
CA LEU A 213 -9.39 10.37 -15.76
C LEU A 213 -9.19 11.66 -14.96
N VAL A 214 -8.04 12.29 -15.16
CA VAL A 214 -7.71 13.55 -14.51
C VAL A 214 -7.52 14.61 -15.59
N ALA A 215 -8.41 15.61 -15.60
CA ALA A 215 -8.37 16.69 -16.58
C ALA A 215 -8.43 16.15 -18.01
N VAL A 216 -9.26 15.13 -18.21
CA VAL A 216 -9.46 14.51 -19.52
C VAL A 216 -10.88 14.81 -19.97
N VAL A 217 -11.02 15.39 -21.16
CA VAL A 217 -12.32 15.81 -21.67
C VAL A 217 -12.79 14.98 -22.85
N GLY A 218 -12.00 14.04 -23.34
CA GLY A 218 -12.42 13.22 -24.47
C GLY A 218 -11.49 12.06 -24.70
N ILE A 219 -12.04 10.97 -25.22
CA ILE A 219 -11.29 9.76 -25.53
C ILE A 219 -11.59 9.37 -26.97
N GLU A 220 -10.57 8.93 -27.70
CA GLU A 220 -10.74 8.39 -29.04
C GLU A 220 -10.17 6.98 -29.06
N ILE A 221 -11.01 6.00 -29.39
CA ILE A 221 -10.61 4.60 -29.42
C ILE A 221 -10.52 4.14 -30.86
N ASN A 222 -9.44 3.44 -31.18
CA ASN A 222 -9.19 2.92 -32.52
C ASN A 222 -8.91 1.43 -32.41
N LYS A 223 -9.74 0.62 -33.07
CA LYS A 223 -9.66 -0.83 -32.95
C LYS A 223 -10.01 -1.45 -34.30
N SER A 224 -10.03 -2.77 -34.33
CA SER A 224 -10.50 -3.55 -35.47
C SER A 224 -11.81 -4.21 -35.11
N GLN A 225 -12.48 -4.77 -36.13
CA GLN A 225 -13.78 -5.38 -35.92
C GLN A 225 -13.66 -6.71 -35.19
N GLY A 226 -14.77 -7.13 -34.57
CA GLY A 226 -14.80 -8.42 -33.92
C GLY A 226 -15.55 -8.50 -32.61
N SER A 227 -15.59 -7.42 -31.83
CA SER A 227 -16.25 -7.48 -30.53
C SER A 227 -16.67 -6.07 -30.10
N ILE A 228 -17.56 -6.04 -29.10
CA ILE A 228 -18.08 -4.81 -28.53
C ILE A 228 -17.17 -4.40 -27.38
N ILE A 229 -16.89 -3.10 -27.27
CA ILE A 229 -16.08 -2.57 -26.18
C ILE A 229 -16.98 -1.74 -25.27
N ASN A 230 -16.82 -1.90 -23.96
CA ASN A 230 -17.68 -1.23 -22.99
C ASN A 230 -16.85 -0.36 -22.06
N PHE A 231 -17.39 0.83 -21.75
CA PHE A 231 -16.82 1.75 -20.78
C PHE A 231 -17.87 2.01 -19.72
N VAL A 232 -17.47 1.91 -18.46
CA VAL A 232 -18.32 2.23 -17.32
C VAL A 232 -17.69 3.40 -16.60
N VAL A 233 -18.41 4.51 -16.49
CA VAL A 233 -17.87 5.73 -15.92
C VAL A 233 -18.67 6.10 -14.68
N ARG A 234 -18.02 6.85 -13.79
CA ARG A 234 -18.57 7.23 -12.50
C ARG A 234 -18.36 8.72 -12.28
N CYS A 235 -19.41 9.40 -11.82
CA CYS A 235 -19.35 10.83 -11.57
C CYS A 235 -19.94 11.13 -10.20
N LEU A 236 -19.61 12.32 -9.68
CA LEU A 236 -20.09 12.79 -8.39
C LEU A 236 -20.86 14.08 -8.60
N LYS A 237 -22.11 14.12 -8.12
CA LYS A 237 -22.90 15.33 -8.31
C LYS A 237 -23.97 15.43 -7.24
N THR A 238 -24.50 16.65 -7.08
CA THR A 238 -25.48 16.96 -6.05
C THR A 238 -26.89 16.73 -6.59
N VAL A 239 -27.72 16.09 -5.78
CA VAL A 239 -29.10 15.81 -6.17
C VAL A 239 -30.05 16.67 -5.34
N MET B 1 4.54 5.41 -26.77
CA MET B 1 5.12 4.92 -28.01
C MET B 1 6.23 3.91 -27.71
N LYS B 2 6.49 3.02 -28.67
CA LYS B 2 7.53 2.01 -28.54
C LYS B 2 8.83 2.57 -29.06
N ILE B 3 9.94 2.27 -28.37
CA ILE B 3 11.24 2.78 -28.75
C ILE B 3 12.05 1.69 -29.44
N ALA B 4 12.27 0.57 -28.75
CA ALA B 4 13.09 -0.48 -29.34
C ALA B 4 12.82 -1.82 -28.66
N THR B 5 13.15 -2.88 -29.39
CA THR B 5 13.19 -4.24 -28.86
C THR B 5 14.55 -4.83 -29.19
N ILE B 6 15.14 -5.52 -28.21
CA ILE B 6 16.50 -6.04 -28.30
C ILE B 6 16.44 -7.55 -28.03
N THR B 7 17.06 -8.32 -28.92
CA THR B 7 17.13 -9.77 -28.79
C THR B 7 18.32 -10.25 -29.61
N GLY B 8 19.11 -11.14 -29.02
CA GLY B 8 20.27 -11.72 -29.68
C GLY B 8 21.58 -11.02 -29.44
N VAL B 9 21.58 -9.69 -29.48
CA VAL B 9 22.81 -8.91 -29.38
C VAL B 9 23.08 -8.59 -27.92
N THR B 10 24.36 -8.43 -27.58
CA THR B 10 24.76 -8.08 -26.22
C THR B 10 24.84 -6.58 -25.99
N LYS B 11 24.72 -5.77 -27.05
CA LYS B 11 24.79 -4.32 -26.95
C LYS B 11 23.69 -3.70 -27.79
N SER B 12 23.06 -2.69 -27.27
CA SER B 12 22.01 -2.03 -28.02
C SER B 12 22.57 -0.91 -28.87
N PRO B 13 22.00 -0.67 -30.05
CA PRO B 13 22.40 0.51 -30.83
C PRO B 13 22.00 1.79 -30.12
N GLU B 14 22.76 2.85 -30.42
CA GLU B 14 22.48 4.15 -29.81
C GLU B 14 21.11 4.63 -30.28
N LEU B 15 20.14 4.61 -29.36
CA LEU B 15 18.75 4.89 -29.68
C LEU B 15 18.47 6.37 -29.51
N GLN B 16 17.85 6.98 -30.52
CA GLN B 16 17.52 8.39 -30.50
C GLN B 16 16.03 8.58 -30.36
N VAL B 17 15.62 9.47 -29.46
CA VAL B 17 14.23 9.86 -29.26
C VAL B 17 14.13 11.35 -29.54
N THR B 18 13.27 11.72 -30.50
CA THR B 18 13.05 13.10 -30.88
C THR B 18 11.80 13.70 -30.23
N LYS B 19 10.79 12.87 -29.95
CA LYS B 19 9.61 13.33 -29.26
C LYS B 19 9.89 13.46 -27.77
N ALA B 20 9.37 14.52 -27.16
CA ALA B 20 9.62 14.77 -25.74
C ALA B 20 8.85 13.75 -24.91
N ILE B 21 9.58 12.86 -24.24
CA ILE B 21 8.98 11.88 -23.36
C ILE B 21 9.20 12.28 -21.92
N GLY B 22 8.49 11.63 -21.01
CA GLY B 22 8.60 11.95 -19.60
C GLY B 22 8.95 10.77 -18.73
N ALA B 23 8.73 9.55 -19.24
CA ALA B 23 9.08 8.37 -18.47
C ALA B 23 9.49 7.25 -19.40
N LEU B 24 10.23 6.29 -18.84
CA LEU B 24 10.69 5.12 -19.55
C LEU B 24 10.06 3.87 -18.96
N ILE B 25 9.61 2.97 -19.82
CA ILE B 25 9.09 1.67 -19.39
C ILE B 25 10.08 0.61 -19.86
N LEU B 26 10.67 -0.09 -18.90
CA LEU B 26 11.60 -1.18 -19.18
C LEU B 26 10.89 -2.50 -18.96
N SER B 27 10.91 -3.36 -19.98
CA SER B 27 10.25 -4.65 -19.91
C SER B 27 11.25 -5.74 -20.27
N SER B 28 11.18 -6.86 -19.54
CA SER B 28 12.11 -7.95 -19.79
C SER B 28 11.50 -9.26 -19.30
N ASP B 29 12.03 -10.36 -19.82
CA ASP B 29 11.59 -11.69 -19.43
C ASP B 29 12.44 -12.28 -18.31
N VAL B 30 13.40 -11.54 -17.79
CA VAL B 30 14.17 -11.97 -16.64
C VAL B 30 13.73 -11.18 -15.42
N ALA B 31 13.52 -11.89 -14.32
CA ALA B 31 12.97 -11.27 -13.12
C ALA B 31 13.93 -10.22 -12.56
N LEU B 32 13.39 -9.38 -11.67
CA LEU B 32 14.18 -8.28 -11.13
C LEU B 32 15.37 -8.81 -10.33
N SER B 33 15.19 -9.89 -9.59
CA SER B 33 16.27 -10.48 -8.82
C SER B 33 17.31 -11.17 -9.69
N ALA B 34 17.00 -11.44 -10.95
CA ALA B 34 17.91 -12.16 -11.83
C ALA B 34 18.87 -11.26 -12.61
N LEU B 35 18.71 -9.94 -12.53
CA LEU B 35 19.58 -9.04 -13.25
C LEU B 35 20.98 -9.06 -12.63
N THR B 36 22.01 -9.18 -13.48
CA THR B 36 23.38 -9.31 -13.00
C THR B 36 24.26 -8.14 -13.41
N THR B 37 24.39 -7.85 -14.70
CA THR B 37 25.37 -6.86 -15.13
C THR B 37 24.87 -5.94 -16.25
N GLU B 38 23.59 -5.91 -16.54
CA GLU B 38 23.08 -5.03 -17.59
C GLU B 38 23.18 -3.58 -17.14
N LYS B 39 23.63 -2.70 -18.04
CA LYS B 39 23.82 -1.30 -17.75
C LYS B 39 23.01 -0.45 -18.71
N ILE B 40 22.66 0.76 -18.27
CA ILE B 40 21.89 1.69 -19.08
C ILE B 40 22.61 3.04 -19.07
N SER B 41 22.37 3.83 -20.11
CA SER B 41 22.96 5.17 -20.22
C SER B 41 22.02 6.08 -20.98
N ILE B 42 21.71 7.24 -20.40
CA ILE B 42 20.76 8.19 -20.96
C ILE B 42 21.38 9.58 -20.92
N TYR B 43 21.23 10.34 -22.01
CA TYR B 43 21.67 11.72 -21.95
C TYR B 43 20.95 12.56 -23.00
N ILE B 44 20.82 13.86 -22.69
CA ILE B 44 20.24 14.84 -23.59
C ILE B 44 21.37 15.40 -24.46
N GLU B 45 21.10 15.57 -25.75
CA GLU B 45 22.11 16.03 -26.69
C GLU B 45 21.71 17.35 -27.32
N ARG B 46 22.60 18.33 -27.25
CA ARG B 46 22.49 19.58 -27.97
C ARG B 46 23.26 19.49 -29.27
N GLY B 47 22.66 19.99 -30.35
CA GLY B 47 23.33 19.93 -31.65
C GLY B 47 24.59 20.75 -31.70
N ASN B 48 24.56 21.97 -31.16
CA ASN B 48 25.72 22.86 -31.11
C ASN B 48 25.95 23.27 -29.66
N GLY B 49 26.68 22.44 -28.92
CA GLY B 49 26.92 22.70 -27.53
C GLY B 49 27.49 21.51 -26.80
N SER B 50 27.15 21.37 -25.52
CA SER B 50 27.63 20.28 -24.70
C SER B 50 26.45 19.43 -24.23
N ASN B 51 26.65 18.13 -24.18
CA ASN B 51 25.60 17.20 -23.79
C ASN B 51 25.32 17.31 -22.30
N VAL B 52 24.12 16.89 -21.91
CA VAL B 52 23.72 16.88 -20.51
C VAL B 52 23.46 15.45 -20.07
N ILE B 53 24.42 14.84 -19.39
CA ILE B 53 24.33 13.43 -19.05
C ILE B 53 23.47 13.26 -17.79
N LEU B 54 22.45 12.42 -17.87
CA LEU B 54 21.61 12.11 -16.73
C LEU B 54 22.07 10.83 -16.02
N ALA B 55 22.35 9.77 -16.77
CA ALA B 55 22.86 8.52 -16.22
C ALA B 55 23.93 7.99 -17.15
N ASN B 56 25.08 7.62 -16.59
CA ASN B 56 26.24 7.18 -17.37
C ASN B 56 26.65 5.80 -16.90
N LYS B 57 26.24 4.77 -17.64
CA LYS B 57 26.57 3.37 -17.36
C LYS B 57 26.18 3.01 -15.93
N VAL B 58 24.88 3.08 -15.65
CA VAL B 58 24.34 2.73 -14.35
C VAL B 58 23.76 1.33 -14.42
N LEU B 59 24.00 0.55 -13.37
CA LEU B 59 23.46 -0.80 -13.31
C LEU B 59 21.94 -0.77 -13.36
N LEU B 60 21.36 -1.74 -14.07
CA LEU B 60 19.94 -1.72 -14.33
C LEU B 60 19.14 -1.93 -13.04
N LYS B 61 19.64 -2.79 -12.16
CA LYS B 61 18.99 -2.99 -10.87
C LYS B 61 18.92 -1.68 -10.08
N ASP B 62 20.03 -0.95 -10.02
CA ASP B 62 20.06 0.29 -9.27
C ASP B 62 19.15 1.33 -9.91
N PHE B 63 19.14 1.39 -11.24
CA PHE B 63 18.26 2.34 -11.93
C PHE B 63 16.80 2.03 -11.63
N ILE B 64 16.44 0.75 -11.61
CA ILE B 64 15.05 0.37 -11.36
C ILE B 64 14.68 0.65 -9.89
N LEU B 65 15.59 0.33 -8.96
CA LEU B 65 15.31 0.52 -7.55
C LEU B 65 15.26 1.99 -7.15
N ALA B 66 15.99 2.86 -7.84
CA ALA B 66 16.01 4.27 -7.48
C ALA B 66 14.77 5.02 -7.98
N SER B 67 13.93 4.38 -8.78
CA SER B 67 12.75 5.05 -9.33
C SER B 67 11.43 4.46 -8.84
N THR B 68 11.41 3.22 -8.35
CA THR B 68 10.19 2.54 -7.96
C THR B 68 10.10 2.38 -6.45
N TYR B 69 10.57 3.38 -5.71
CA TYR B 69 10.57 3.34 -4.25
C TYR B 69 9.37 4.11 -3.73
N GLY B 70 8.53 3.44 -2.94
CA GLY B 70 7.34 4.07 -2.39
C GLY B 70 6.09 3.27 -2.66
N THR B 71 5.01 3.96 -3.04
CA THR B 71 3.74 3.28 -3.27
C THR B 71 3.84 2.33 -4.45
N GLU B 72 4.63 2.67 -5.45
CA GLU B 72 4.78 1.86 -6.65
C GLU B 72 5.69 0.66 -6.39
N ASN B 73 5.69 -0.26 -7.35
CA ASN B 73 6.62 -1.38 -7.35
C ASN B 73 6.69 -1.95 -8.76
N THR B 74 7.74 -2.70 -9.04
CA THR B 74 7.87 -3.33 -10.34
C THR B 74 6.87 -4.47 -10.46
N GLN B 75 6.12 -4.50 -11.56
CA GLN B 75 5.08 -5.50 -11.73
C GLN B 75 5.46 -6.46 -12.84
N SER B 76 4.53 -7.34 -13.19
CA SER B 76 4.79 -8.39 -14.15
C SER B 76 3.50 -8.79 -14.84
N ASP B 77 3.59 -9.80 -15.69
CA ASP B 77 2.48 -10.27 -16.49
C ASP B 77 2.77 -11.68 -16.94
N ALA B 78 1.88 -12.25 -17.76
CA ALA B 78 2.09 -13.60 -18.26
C ALA B 78 3.25 -13.65 -19.24
N ASP B 79 3.45 -12.59 -20.01
CA ASP B 79 4.51 -12.56 -21.01
C ASP B 79 5.78 -11.89 -20.51
N ASN B 80 5.63 -10.73 -19.86
CA ASN B 80 6.76 -9.95 -19.39
C ASN B 80 7.01 -10.25 -17.91
N ALA B 81 8.20 -10.75 -17.59
CA ALA B 81 8.52 -11.12 -16.22
C ALA B 81 8.99 -9.95 -15.37
N MET B 82 9.21 -8.79 -15.97
CA MET B 82 9.63 -7.61 -15.22
C MET B 82 9.22 -6.38 -16.00
N ILE B 83 8.34 -5.56 -15.42
CA ILE B 83 7.90 -4.30 -15.99
C ILE B 83 8.15 -3.22 -14.96
N ALA B 84 8.95 -2.22 -15.33
CA ALA B 84 9.32 -1.15 -14.42
C ALA B 84 9.16 0.20 -15.11
N LEU B 85 8.59 1.17 -14.39
CA LEU B 85 8.38 2.52 -14.89
C LEU B 85 9.29 3.48 -14.15
N CYS B 86 10.11 4.22 -14.89
CA CYS B 86 11.10 5.13 -14.31
C CYS B 86 10.86 6.53 -14.83
N GLU B 87 10.65 7.48 -13.92
CA GLU B 87 10.37 8.85 -14.27
C GLU B 87 11.65 9.64 -14.51
N LEU B 88 11.67 10.42 -15.60
CA LEU B 88 12.84 11.18 -15.99
C LEU B 88 12.73 12.67 -15.70
N ALA B 89 11.57 13.15 -15.26
CA ALA B 89 11.37 14.56 -14.93
C ALA B 89 10.59 14.66 -13.64
N ASP B 90 10.28 15.89 -13.23
CA ASP B 90 9.60 16.12 -11.96
C ASP B 90 8.10 15.87 -12.07
N GLU B 91 7.41 16.69 -12.89
CA GLU B 91 5.97 16.56 -13.03
C GLU B 91 5.48 16.77 -14.46
N GLY B 92 6.38 16.85 -15.44
CA GLY B 92 5.99 16.96 -16.83
C GLY B 92 6.94 16.19 -17.72
N SER B 93 7.00 16.54 -19.00
CA SER B 93 7.93 15.93 -19.93
C SER B 93 9.09 16.88 -20.18
N ILE B 94 10.22 16.31 -20.60
CA ILE B 94 11.42 17.10 -20.84
C ILE B 94 11.14 18.10 -21.95
N TYR B 95 11.35 19.38 -21.65
CA TYR B 95 11.15 20.44 -22.63
C TYR B 95 12.36 20.49 -23.55
N LEU B 96 12.20 19.98 -24.77
CA LEU B 96 13.28 19.99 -25.75
C LEU B 96 13.33 21.33 -26.46
N ALA B 97 14.51 21.95 -26.45
CA ALA B 97 14.71 23.23 -27.12
C ALA B 97 14.95 23.01 -28.61
N ASP B 98 15.48 24.05 -29.27
CA ASP B 98 15.54 24.09 -30.73
C ASP B 98 16.18 22.83 -31.33
N LYS B 99 17.25 22.32 -30.72
CA LYS B 99 18.02 21.27 -31.39
C LYS B 99 18.34 20.08 -30.47
N GLU B 100 17.80 20.06 -29.25
CA GLU B 100 18.07 18.93 -28.37
C GLU B 100 17.32 17.67 -28.80
N SER B 101 17.89 16.52 -28.43
CA SER B 101 17.24 15.22 -28.57
C SER B 101 17.63 14.39 -27.36
N ILE B 102 17.10 13.16 -27.28
CA ILE B 102 17.42 12.26 -26.18
C ILE B 102 18.09 11.02 -26.75
N LYS B 103 19.13 10.52 -26.08
CA LYS B 103 19.81 9.32 -26.53
C LYS B 103 19.93 8.33 -25.38
N ILE B 104 19.52 7.09 -25.66
CA ILE B 104 19.48 6.01 -24.68
C ILE B 104 20.22 4.82 -25.26
N THR B 105 20.98 4.12 -24.42
CA THR B 105 21.66 2.91 -24.85
C THR B 105 21.77 1.93 -23.70
N LEU B 106 21.88 0.64 -24.05
CA LEU B 106 21.96 -0.46 -23.11
C LEU B 106 23.21 -1.28 -23.41
N GLU B 107 23.90 -1.69 -22.36
CA GLU B 107 25.18 -2.37 -22.50
C GLU B 107 25.22 -3.62 -21.63
N ASP B 108 26.03 -4.59 -22.06
CA ASP B 108 26.29 -5.82 -21.32
C ASP B 108 25.01 -6.64 -21.12
N LEU B 109 24.34 -6.92 -22.23
CA LEU B 109 23.11 -7.70 -22.21
C LEU B 109 23.44 -9.19 -22.33
N ILE B 110 22.40 -10.01 -22.38
CA ILE B 110 22.54 -11.46 -22.52
C ILE B 110 21.96 -11.87 -23.87
N SER B 111 22.68 -12.72 -24.58
CA SER B 111 22.35 -13.02 -25.98
C SER B 111 20.98 -13.67 -26.10
N ASP B 112 20.65 -14.61 -25.22
CA ASP B 112 19.43 -15.41 -25.35
C ASP B 112 18.25 -14.82 -24.58
N LYS B 113 18.20 -13.49 -24.43
CA LYS B 113 17.17 -12.85 -23.64
C LYS B 113 16.56 -11.71 -24.44
N ARG B 114 15.49 -11.13 -23.90
CA ARG B 114 14.72 -10.10 -24.60
C ARG B 114 14.60 -8.86 -23.72
N TYR B 115 14.69 -7.69 -24.35
CA TYR B 115 14.51 -6.41 -23.65
C TYR B 115 13.64 -5.50 -24.49
N ASP B 116 12.73 -4.78 -23.85
CA ASP B 116 11.83 -3.85 -24.52
C ASP B 116 11.88 -2.49 -23.84
N LEU B 117 11.89 -1.43 -24.65
CA LEU B 117 11.82 -0.06 -24.17
C LEU B 117 10.56 0.62 -24.69
N HIS B 118 9.93 1.41 -23.84
CA HIS B 118 8.79 2.23 -24.23
C HIS B 118 8.95 3.62 -23.62
N GLY B 119 8.34 4.61 -24.27
CA GLY B 119 8.39 6.00 -23.80
C GLY B 119 7.00 6.50 -23.48
N ILE B 120 6.91 7.32 -22.43
CA ILE B 120 5.65 7.89 -21.97
C ILE B 120 5.77 9.41 -21.96
N GLU B 121 4.81 10.07 -22.60
CA GLU B 121 4.73 11.52 -22.68
C GLU B 121 3.38 12.01 -22.18
N GLU B 122 3.38 13.22 -21.61
CA GLU B 122 2.18 13.80 -21.03
C GLU B 122 2.11 15.28 -21.36
N PRO B 123 0.91 15.89 -21.26
CA PRO B 123 0.74 17.25 -21.79
C PRO B 123 1.62 18.31 -21.13
N GLN B 124 2.06 18.09 -19.91
CA GLN B 124 2.88 19.08 -19.23
C GLN B 124 4.34 18.97 -19.63
N GLN B 125 5.05 20.09 -19.55
CA GLN B 125 6.48 20.14 -19.79
C GLN B 125 7.16 20.78 -18.59
N THR B 126 8.42 20.41 -18.34
CA THR B 126 9.13 20.90 -17.18
C THR B 126 10.63 20.92 -17.45
N ASN B 127 11.36 21.62 -16.59
CA ASN B 127 12.80 21.75 -16.70
C ASN B 127 13.57 20.95 -15.65
N ASN B 128 12.93 20.58 -14.54
CA ASN B 128 13.61 19.81 -13.51
C ASN B 128 13.80 18.37 -13.96
N LEU B 129 15.02 17.86 -13.81
CA LEU B 129 15.35 16.50 -14.23
C LEU B 129 16.11 15.77 -13.13
N PHE B 130 16.08 14.44 -13.23
CA PHE B 130 16.70 13.54 -12.26
C PHE B 130 18.08 13.14 -12.77
N PHE B 131 19.09 13.25 -11.90
CA PHE B 131 20.46 12.91 -12.21
C PHE B 131 20.92 11.79 -11.29
N PHE B 132 21.69 10.86 -11.85
CA PHE B 132 22.21 9.70 -11.13
C PHE B 132 23.72 9.79 -11.01
N GLU B 133 24.24 9.56 -9.80
CA GLU B 133 25.67 9.57 -9.55
C GLU B 133 26.03 8.32 -8.77
N GLN B 134 27.31 7.97 -8.80
CA GLN B 134 27.80 6.77 -8.13
C GLN B 134 28.98 7.11 -7.24
N LYS B 135 29.02 6.48 -6.07
CA LYS B 135 30.09 6.65 -5.09
C LYS B 135 30.62 5.29 -4.69
N SER B 136 31.88 5.24 -4.28
CA SER B 136 32.56 3.98 -4.04
C SER B 136 33.35 4.02 -2.74
N VAL B 137 33.46 2.86 -2.11
CA VAL B 137 34.33 2.66 -0.94
C VAL B 137 35.24 1.49 -1.26
N ALA B 138 36.55 1.72 -1.10
CA ALA B 138 37.57 0.79 -1.58
C ALA B 138 37.51 -0.53 -0.81
N SER B 139 38.15 -1.54 -1.38
CA SER B 139 38.19 -2.87 -0.78
C SER B 139 39.28 -3.02 0.27
N GLU B 140 40.17 -2.03 0.40
CA GLU B 140 41.28 -2.10 1.35
C GLU B 140 41.13 -1.13 2.52
N GLU B 141 40.08 -0.32 2.53
CA GLU B 141 39.96 0.74 3.52
C GLU B 141 38.99 0.35 4.62
N PHE B 142 39.28 0.79 5.84
CA PHE B 142 38.50 0.44 7.02
C PHE B 142 37.32 1.40 7.23
N ASN B 143 37.61 2.69 7.42
CA ASN B 143 36.60 3.69 7.76
C ASN B 143 36.54 4.73 6.66
N LYS B 144 35.34 5.01 6.17
CA LYS B 144 35.16 5.98 5.10
C LYS B 144 34.03 6.93 5.45
N LYS B 145 34.13 8.16 4.98
CA LYS B 145 33.11 9.18 5.20
C LYS B 145 32.75 9.85 3.89
N ILE B 146 31.46 9.89 3.57
CA ILE B 146 30.98 10.45 2.33
C ILE B 146 29.90 11.49 2.63
N ASP B 147 29.73 12.40 1.66
CA ASP B 147 28.78 13.50 1.78
C ASP B 147 27.58 13.20 0.89
N VAL B 148 26.39 13.30 1.47
CA VAL B 148 25.15 13.02 0.75
C VAL B 148 24.20 14.19 0.87
N GLN B 149 24.74 15.40 1.01
CA GLN B 149 23.90 16.59 1.12
C GLN B 149 23.29 16.92 -0.23
N GLY B 150 21.96 17.08 -0.25
CA GLY B 150 21.24 17.40 -1.46
C GLY B 150 20.65 16.21 -2.18
N PHE B 151 21.09 15.00 -1.89
CA PHE B 151 20.55 13.79 -2.49
C PHE B 151 19.36 13.30 -1.66
N ASP B 152 18.41 12.67 -2.36
CA ASP B 152 17.18 12.23 -1.71
C ASP B 152 16.99 10.73 -1.65
N LEU B 153 17.93 9.95 -2.17
CA LEU B 153 17.78 8.50 -2.18
C LEU B 153 19.15 7.88 -2.42
N ALA B 154 19.35 6.68 -1.90
CA ALA B 154 20.59 5.96 -2.14
C ALA B 154 20.30 4.47 -2.21
N ILE B 155 21.08 3.79 -3.06
CA ILE B 155 21.04 2.33 -3.16
C ILE B 155 22.45 1.85 -2.82
N MET B 156 22.58 1.10 -1.74
CA MET B 156 23.89 0.63 -1.35
C MET B 156 24.02 -0.89 -1.57
N THR B 157 25.26 -1.31 -1.80
CA THR B 157 25.59 -2.72 -1.96
C THR B 157 25.62 -3.39 -0.59
N VAL B 158 24.79 -4.42 -0.42
CA VAL B 158 24.73 -5.16 0.84
C VAL B 158 25.82 -6.23 0.82
N ASP B 159 26.76 -6.13 1.75
CA ASP B 159 27.88 -7.06 1.86
C ASP B 159 28.06 -7.41 3.32
N ASP B 160 28.56 -8.62 3.58
CA ASP B 160 28.68 -9.08 4.96
C ASP B 160 29.85 -8.42 5.68
N SER B 161 30.66 -7.65 4.97
CA SER B 161 31.79 -6.98 5.62
C SER B 161 31.34 -5.75 6.38
N VAL B 162 30.15 -5.22 6.08
CA VAL B 162 29.69 -4.01 6.73
C VAL B 162 29.36 -4.31 8.19
N SER B 163 29.88 -3.47 9.09
CA SER B 163 29.59 -3.60 10.52
C SER B 163 28.78 -2.45 11.07
N ASP B 164 29.16 -1.21 10.78
CA ASP B 164 28.46 -0.05 11.30
C ASP B 164 28.25 0.98 10.19
N LEU B 165 27.19 1.76 10.30
CA LEU B 165 26.99 2.87 9.38
C LEU B 165 26.22 3.96 10.11
N SER B 166 26.80 5.15 10.20
CA SER B 166 26.27 6.23 11.01
C SER B 166 25.86 7.40 10.14
N TYR B 167 24.64 7.88 10.33
CA TYR B 167 24.13 9.08 9.68
C TYR B 167 24.55 10.31 10.46
N GLN B 168 24.57 11.44 9.76
CA GLN B 168 24.73 12.75 10.41
C GLN B 168 23.62 13.65 9.91
N TYR B 169 22.84 14.21 10.84
CA TYR B 169 21.67 14.97 10.48
C TYR B 169 21.99 16.46 10.46
N SER B 170 21.04 17.24 9.92
CA SER B 170 21.29 18.66 9.71
C SER B 170 21.38 19.42 11.03
N ASN B 171 20.95 18.81 12.14
CA ASN B 171 21.05 19.47 13.43
C ASN B 171 22.29 19.06 14.23
N GLY B 172 23.16 18.23 13.66
CA GLY B 172 24.43 17.91 14.28
C GLY B 172 24.50 16.56 14.96
N GLN B 173 23.37 15.87 15.12
CA GLN B 173 23.38 14.59 15.83
C GLN B 173 23.82 13.47 14.90
N VAL B 174 24.49 12.47 15.48
CA VAL B 174 25.02 11.33 14.74
C VAL B 174 24.41 10.06 15.34
N VAL B 175 23.79 9.24 14.49
CA VAL B 175 23.12 8.02 14.91
C VAL B 175 23.75 6.84 14.19
N LYS B 176 24.09 5.79 14.93
CA LYS B 176 24.75 4.61 14.39
C LYS B 176 23.74 3.49 14.18
N TYR B 177 23.81 2.84 13.02
CA TYR B 177 22.91 1.76 12.64
C TYR B 177 23.72 0.55 12.22
N LEU B 178 23.10 -0.62 12.35
CA LEU B 178 23.58 -1.90 11.88
C LEU B 178 22.85 -2.29 10.60
N PRO B 179 23.36 -3.27 9.85
CA PRO B 179 22.64 -3.70 8.64
C PRO B 179 21.22 -4.15 8.88
N PHE B 180 20.98 -4.89 9.96
CA PHE B 180 19.63 -5.35 10.27
C PHE B 180 18.70 -4.18 10.58
N GLU B 181 19.19 -3.23 11.38
CA GLU B 181 18.40 -2.05 11.72
C GLU B 181 18.09 -1.24 10.48
N LEU B 182 19.07 -1.07 9.59
CA LEU B 182 18.85 -0.33 8.35
C LEU B 182 17.82 -1.02 7.47
N GLN B 183 17.90 -2.35 7.35
CA GLN B 183 16.93 -3.07 6.53
C GLN B 183 15.52 -2.93 7.09
N THR B 184 15.37 -3.04 8.41
CA THR B 184 14.05 -2.90 9.01
C THR B 184 13.50 -1.49 8.81
N LEU B 185 14.35 -0.47 9.01
CA LEU B 185 13.89 0.91 8.81
C LEU B 185 13.53 1.17 7.35
N SER B 186 14.24 0.52 6.41
CA SER B 186 13.92 0.68 5.00
C SER B 186 12.58 0.03 4.66
N ARG B 187 12.36 -1.20 5.15
CA ARG B 187 11.10 -1.88 4.87
C ARG B 187 9.93 -1.28 5.67
N ASP B 188 10.21 -0.41 6.65
CA ASP B 188 9.13 0.26 7.35
C ASP B 188 8.39 1.24 6.44
N ILE B 189 9.07 1.77 5.42
CA ILE B 189 8.44 2.74 4.53
C ILE B 189 7.82 2.05 3.33
N ASP B 190 8.60 1.23 2.62
CA ASP B 190 8.10 0.50 1.46
C ASP B 190 8.15 -1.00 1.75
N PRO B 191 7.03 -1.61 2.15
CA PRO B 191 7.08 -3.04 2.51
C PRO B 191 7.29 -3.97 1.33
N ILE B 192 6.67 -3.68 0.19
CA ILE B 192 6.70 -4.56 -0.98
C ILE B 192 7.54 -3.89 -2.06
N GLN B 193 8.53 -4.62 -2.58
CA GLN B 193 9.39 -4.12 -3.65
C GLN B 193 9.03 -4.69 -5.01
N ALA B 194 8.49 -5.91 -5.09
CA ALA B 194 8.03 -6.40 -6.38
C ALA B 194 6.96 -7.46 -6.19
N VAL B 195 6.16 -7.65 -7.24
CA VAL B 195 5.12 -8.66 -7.28
C VAL B 195 5.44 -9.61 -8.43
N LEU B 196 5.56 -10.90 -8.13
CA LEU B 196 5.96 -11.86 -9.13
C LEU B 196 4.78 -12.23 -10.02
N SER B 197 5.09 -12.90 -11.13
CA SER B 197 4.06 -13.22 -12.12
C SER B 197 3.06 -14.24 -11.59
N ASP B 198 3.53 -15.21 -10.80
CA ASP B 198 2.64 -16.27 -10.31
C ASP B 198 1.71 -15.77 -9.21
N GLY B 199 2.16 -14.82 -8.39
CA GLY B 199 1.31 -14.28 -7.35
C GLY B 199 2.00 -13.94 -6.06
N LYS B 200 3.23 -14.42 -5.86
CA LYS B 200 3.97 -14.11 -4.66
C LYS B 200 4.58 -12.71 -4.75
N VAL B 201 4.94 -12.16 -3.60
CA VAL B 201 5.56 -10.84 -3.52
C VAL B 201 6.95 -11.00 -2.94
N VAL B 202 7.83 -10.04 -3.25
CA VAL B 202 9.16 -9.98 -2.68
C VAL B 202 9.36 -8.61 -2.04
N GLN B 203 9.80 -8.63 -0.78
CA GLN B 203 9.97 -7.46 0.06
C GLN B 203 11.20 -6.65 -0.27
N GLY B 204 12.24 -7.28 -0.81
CA GLY B 204 13.49 -6.61 -1.10
C GLY B 204 14.53 -7.58 -1.60
N LEU B 205 15.62 -7.06 -2.15
CA LEU B 205 16.65 -7.90 -2.72
C LEU B 205 17.65 -8.32 -1.64
N THR B 206 18.39 -9.38 -1.94
CA THR B 206 19.34 -9.96 -1.00
C THR B 206 20.70 -9.27 -1.04
N ASP B 207 20.93 -8.37 -2.00
CA ASP B 207 22.24 -7.73 -2.11
C ASP B 207 22.17 -6.22 -2.28
N ARG B 208 20.99 -5.63 -2.40
CA ARG B 208 20.85 -4.18 -2.55
C ARG B 208 19.95 -3.65 -1.45
N LEU B 209 20.26 -2.47 -0.93
CA LEU B 209 19.47 -1.84 0.11
C LEU B 209 19.13 -0.41 -0.30
N THR B 210 17.92 0.03 0.02
CA THR B 210 17.46 1.37 -0.31
C THR B 210 17.40 2.22 0.95
N LEU B 211 18.06 3.39 0.91
CA LEU B 211 18.08 4.32 2.03
C LEU B 211 17.49 5.64 1.61
N PRO B 212 16.37 6.08 2.22
CA PRO B 212 15.86 7.44 1.98
C PRO B 212 16.60 8.43 2.87
N LEU B 213 17.29 9.38 2.24
CA LEU B 213 18.08 10.37 2.96
C LEU B 213 17.24 11.63 3.10
N VAL B 214 16.71 11.87 4.29
CA VAL B 214 15.91 13.06 4.59
C VAL B 214 16.60 13.82 5.71
N ALA B 215 16.95 15.07 5.45
CA ALA B 215 17.65 15.92 6.41
C ALA B 215 18.93 15.27 6.90
N VAL B 216 19.65 14.63 5.97
CA VAL B 216 20.92 13.96 6.26
C VAL B 216 21.99 14.60 5.41
N VAL B 217 23.12 14.96 6.03
CA VAL B 217 24.19 15.66 5.34
C VAL B 217 25.50 14.89 5.29
N GLY B 218 25.57 13.72 5.93
CA GLY B 218 26.81 12.95 5.90
C GLY B 218 26.57 11.52 6.31
N ILE B 219 27.42 10.63 5.81
CA ILE B 219 27.37 9.21 6.11
C ILE B 219 28.78 8.75 6.44
N GLU B 220 28.92 7.92 7.49
CA GLU B 220 30.19 7.30 7.81
C GLU B 220 30.00 5.78 7.82
N ILE B 221 30.79 5.09 7.01
CA ILE B 221 30.69 3.63 6.89
C ILE B 221 31.92 3.01 7.54
N ASN B 222 31.69 2.05 8.42
CA ASN B 222 32.73 1.37 9.16
C ASN B 222 32.64 -0.12 8.88
N LYS B 223 33.69 -0.69 8.30
CA LYS B 223 33.65 -2.04 7.77
C LYS B 223 35.01 -2.70 8.00
N SER B 224 35.22 -3.83 7.35
CA SER B 224 36.50 -4.53 7.31
C SER B 224 36.95 -4.69 5.87
N GLN B 225 38.19 -5.14 5.70
CA GLN B 225 38.76 -5.29 4.37
C GLN B 225 38.12 -6.45 3.62
N GLY B 226 38.18 -6.40 2.30
CA GLY B 226 37.76 -7.53 1.49
C GLY B 226 37.01 -7.21 0.21
N SER B 227 36.23 -6.14 0.17
CA SER B 227 35.42 -5.89 -1.01
C SER B 227 35.06 -4.41 -1.11
N ILE B 228 34.70 -4.01 -2.33
CA ILE B 228 34.31 -2.63 -2.64
C ILE B 228 32.81 -2.50 -2.38
N ILE B 229 32.39 -1.33 -1.91
CA ILE B 229 30.98 -1.06 -1.63
C ILE B 229 30.53 0.11 -2.48
N ASN B 230 29.40 -0.06 -3.16
CA ASN B 230 28.91 0.91 -4.14
C ASN B 230 27.63 1.56 -3.64
N PHE B 231 27.55 2.88 -3.82
CA PHE B 231 26.34 3.67 -3.57
C PHE B 231 25.90 4.27 -4.90
N VAL B 232 24.61 4.23 -5.17
CA VAL B 232 24.01 4.94 -6.29
C VAL B 232 23.05 5.97 -5.72
N VAL B 233 23.32 7.24 -5.98
CA VAL B 233 22.53 8.33 -5.43
C VAL B 233 21.83 9.06 -6.56
N ARG B 234 20.73 9.72 -6.22
CA ARG B 234 19.89 10.40 -7.19
C ARG B 234 19.55 11.79 -6.67
N CYS B 235 19.51 12.76 -7.57
CA CYS B 235 19.17 14.14 -7.21
C CYS B 235 18.26 14.74 -8.27
N LEU B 236 17.63 15.86 -7.93
CA LEU B 236 16.77 16.59 -8.85
C LEU B 236 17.30 18.00 -9.01
N LYS B 237 17.50 18.44 -10.25
CA LYS B 237 18.03 19.78 -10.48
C LYS B 237 17.54 20.30 -11.82
N THR B 238 17.67 21.61 -12.00
CA THR B 238 17.16 22.32 -13.17
C THR B 238 18.24 22.35 -14.25
N VAL B 239 17.84 22.08 -15.49
CA VAL B 239 18.74 22.16 -16.62
C VAL B 239 18.42 23.39 -17.46
N MET C 1 20.91 -0.79 18.33
CA MET C 1 21.85 -1.61 19.10
C MET C 1 21.18 -2.86 19.62
N LYS C 2 21.98 -3.89 19.89
CA LYS C 2 21.46 -5.18 20.33
C LYS C 2 21.21 -5.14 21.83
N ILE C 3 19.94 -5.21 22.21
CA ILE C 3 19.57 -5.17 23.62
C ILE C 3 19.76 -6.55 24.24
N ALA C 4 19.10 -7.56 23.69
CA ALA C 4 19.24 -8.90 24.23
C ALA C 4 18.76 -9.95 23.23
N THR C 5 19.25 -11.17 23.45
CA THR C 5 18.77 -12.38 22.79
C THR C 5 18.43 -13.40 23.86
N ILE C 6 17.20 -13.91 23.81
CA ILE C 6 16.70 -14.85 24.80
C ILE C 6 16.38 -16.16 24.10
N THR C 7 16.91 -17.26 24.63
CA THR C 7 16.63 -18.59 24.14
C THR C 7 17.01 -19.60 25.22
N GLY C 8 16.20 -20.64 25.34
CA GLY C 8 16.43 -21.73 26.28
C GLY C 8 15.76 -21.60 27.64
N VAL C 9 15.35 -20.38 28.00
CA VAL C 9 14.71 -20.12 29.29
C VAL C 9 13.31 -19.56 29.04
N THR C 10 12.46 -19.64 30.06
CA THR C 10 11.07 -19.24 29.93
C THR C 10 10.81 -17.81 30.37
N LYS C 11 11.81 -17.10 30.90
CA LYS C 11 11.66 -15.70 31.27
C LYS C 11 12.96 -14.96 31.01
N SER C 12 12.86 -13.67 30.81
CA SER C 12 14.07 -12.91 30.56
C SER C 12 14.36 -11.96 31.71
N PRO C 13 15.64 -11.80 32.06
CA PRO C 13 15.99 -10.90 33.17
C PRO C 13 15.64 -9.46 32.82
N GLU C 14 15.43 -8.66 33.87
CA GLU C 14 15.12 -7.25 33.68
C GLU C 14 16.26 -6.58 32.93
N LEU C 15 15.96 -6.06 31.74
CA LEU C 15 16.93 -5.46 30.86
C LEU C 15 16.89 -3.95 31.03
N GLN C 16 18.06 -3.34 31.18
CA GLN C 16 18.15 -1.89 31.38
C GLN C 16 18.76 -1.24 30.16
N VAL C 17 18.24 -0.08 29.79
CA VAL C 17 18.74 0.73 28.69
C VAL C 17 18.95 2.14 29.21
N THR C 18 20.17 2.65 29.05
CA THR C 18 20.50 4.00 29.48
C THR C 18 20.61 5.00 28.34
N LYS C 19 20.56 4.53 27.09
CA LYS C 19 20.53 5.42 25.95
C LYS C 19 19.09 5.74 25.59
N ALA C 20 18.87 6.94 25.05
CA ALA C 20 17.52 7.40 24.70
C ALA C 20 17.12 6.79 23.36
N ILE C 21 16.29 5.76 23.42
CA ILE C 21 15.82 5.08 22.21
C ILE C 21 14.44 5.60 21.86
N GLY C 22 14.02 5.36 20.62
CA GLY C 22 12.71 5.80 20.18
C GLY C 22 11.83 4.66 19.73
N ALA C 23 12.42 3.55 19.32
CA ALA C 23 11.63 2.42 18.84
C ALA C 23 12.28 1.12 19.27
N LEU C 24 11.49 0.05 19.26
CA LEU C 24 11.96 -1.29 19.53
C LEU C 24 11.78 -2.15 18.28
N ILE C 25 12.69 -3.09 18.09
CA ILE C 25 12.59 -4.08 17.02
C ILE C 25 12.49 -5.44 17.69
N LEU C 26 11.34 -6.09 17.51
CA LEU C 26 11.11 -7.43 18.01
C LEU C 26 11.27 -8.43 16.87
N SER C 27 12.22 -9.34 17.00
CA SER C 27 12.40 -10.37 15.98
C SER C 27 12.36 -11.74 16.65
N SER C 28 11.81 -12.72 15.93
CA SER C 28 11.68 -14.05 16.49
C SER C 28 11.57 -15.07 15.36
N ASP C 29 11.81 -16.33 15.71
CA ASP C 29 11.68 -17.43 14.76
C ASP C 29 10.29 -18.06 14.77
N VAL C 30 9.35 -17.50 15.52
CA VAL C 30 7.96 -17.92 15.48
C VAL C 30 7.19 -16.92 14.64
N ALA C 31 6.17 -17.42 13.95
CA ALA C 31 5.37 -16.55 13.10
C ALA C 31 4.48 -15.66 13.96
N LEU C 32 3.91 -14.62 13.33
CA LEU C 32 2.99 -13.75 14.04
C LEU C 32 1.75 -14.50 14.49
N SER C 33 1.23 -15.39 13.64
CA SER C 33 0.05 -16.17 13.99
C SER C 33 0.32 -17.26 15.01
N ALA C 34 1.59 -17.57 15.28
CA ALA C 34 1.94 -18.62 16.21
C ALA C 34 2.22 -18.12 17.62
N LEU C 35 2.31 -16.80 17.82
CA LEU C 35 2.49 -16.27 19.16
C LEU C 35 1.27 -16.60 20.02
N THR C 36 1.49 -17.13 21.22
CA THR C 36 0.40 -17.56 22.07
C THR C 36 0.32 -16.78 23.38
N THR C 37 1.38 -16.78 24.20
CA THR C 37 1.26 -16.26 25.56
C THR C 37 2.40 -15.35 25.96
N GLU C 38 3.27 -14.94 25.05
CA GLU C 38 4.39 -14.08 25.41
C GLU C 38 3.88 -12.72 25.84
N LYS C 39 4.51 -12.15 26.89
CA LYS C 39 4.11 -10.85 27.41
C LYS C 39 5.33 -9.96 27.53
N ILE C 40 5.10 -8.65 27.36
CA ILE C 40 6.16 -7.66 27.43
C ILE C 40 5.76 -6.61 28.46
N SER C 41 6.78 -5.96 29.04
CA SER C 41 6.54 -4.88 29.99
C SER C 41 7.69 -3.89 29.96
N ILE C 42 7.36 -2.61 29.76
CA ILE C 42 8.35 -1.54 29.64
C ILE C 42 7.99 -0.46 30.65
N TYR C 43 8.99 0.04 31.39
CA TYR C 43 8.75 1.18 32.25
C TYR C 43 10.04 1.98 32.44
N ILE C 44 9.89 3.30 32.49
CA ILE C 44 10.99 4.25 32.62
C ILE C 44 11.02 4.76 34.05
N GLU C 45 12.19 4.70 34.69
CA GLU C 45 12.32 5.24 36.03
C GLU C 45 12.89 6.65 35.94
N ARG C 46 12.10 7.63 36.40
CA ARG C 46 12.56 9.01 36.38
C ARG C 46 13.34 9.32 37.65
N GLY C 47 14.43 10.07 37.50
CA GLY C 47 15.15 10.55 38.66
C GLY C 47 14.30 11.50 39.50
N ASN C 48 13.43 12.26 38.84
CA ASN C 48 12.44 13.10 39.51
C ASN C 48 11.27 12.21 39.90
N GLY C 49 10.37 12.72 40.72
CA GLY C 49 9.25 11.95 41.24
C GLY C 49 8.37 11.32 40.18
N SER C 50 7.92 10.08 40.46
CA SER C 50 6.90 9.36 39.69
C SER C 50 7.50 8.69 38.46
N ASN C 51 7.49 7.37 38.42
CA ASN C 51 7.93 6.62 37.26
C ASN C 51 6.85 6.62 36.19
N VAL C 52 7.21 6.12 35.01
CA VAL C 52 6.28 6.02 33.89
C VAL C 52 6.17 4.56 33.48
N ILE C 53 4.94 4.06 33.39
CA ILE C 53 4.68 2.69 32.97
C ILE C 53 3.98 2.76 31.61
N LEU C 54 4.66 2.28 30.57
CA LEU C 54 4.12 2.31 29.22
C LEU C 54 3.43 1.01 28.82
N ALA C 55 3.76 -0.10 29.47
CA ALA C 55 3.11 -1.37 29.19
C ALA C 55 3.21 -2.23 30.45
N ASN C 56 2.09 -2.81 30.86
CA ASN C 56 2.02 -3.60 32.09
C ASN C 56 1.62 -5.03 31.70
N LYS C 57 2.62 -5.84 31.35
CA LYS C 57 2.41 -7.24 30.99
C LYS C 57 1.38 -7.37 29.88
N VAL C 58 1.69 -6.75 28.74
CA VAL C 58 0.81 -6.74 27.57
C VAL C 58 1.15 -7.92 26.68
N LEU C 59 0.13 -8.54 26.09
CA LEU C 59 0.35 -9.65 25.17
C LEU C 59 1.13 -9.19 23.95
N LEU C 60 1.98 -10.08 23.44
CA LEU C 60 2.90 -9.71 22.37
C LEU C 60 2.16 -9.53 21.05
N LYS C 61 1.14 -10.35 20.79
CA LYS C 61 0.35 -10.17 19.57
C LYS C 61 -0.33 -8.81 19.57
N ASP C 62 -0.94 -8.43 20.70
CA ASP C 62 -1.61 -7.14 20.79
C ASP C 62 -0.61 -6.00 20.68
N PHE C 63 0.55 -6.14 21.31
CA PHE C 63 1.59 -5.11 21.22
C PHE C 63 2.05 -4.93 19.78
N ILE C 64 2.26 -6.02 19.07
CA ILE C 64 2.75 -5.94 17.69
C ILE C 64 1.68 -5.38 16.76
N LEU C 65 0.42 -5.79 16.97
CA LEU C 65 -0.65 -5.29 16.12
C LEU C 65 -1.00 -3.83 16.39
N ALA C 66 -0.75 -3.35 17.61
CA ALA C 66 -1.05 -1.96 17.95
C ALA C 66 -0.07 -0.97 17.36
N SER C 67 1.14 -1.41 17.00
CA SER C 67 2.16 -0.51 16.50
C SER C 67 2.41 -0.61 15.00
N THR C 68 1.93 -1.66 14.34
CA THR C 68 2.19 -1.87 12.92
C THR C 68 0.91 -1.75 12.10
N TYR C 69 0.06 -0.77 12.44
CA TYR C 69 -1.19 -0.54 11.75
C TYR C 69 -1.04 0.66 10.82
N GLY C 70 -1.22 0.44 9.52
CA GLY C 70 -1.10 1.50 8.54
C GLY C 70 -0.28 1.12 7.34
N THR C 71 0.59 2.03 6.90
CA THR C 71 1.40 1.79 5.71
C THR C 71 2.34 0.61 5.90
N GLU C 72 2.90 0.46 7.09
CA GLU C 72 3.85 -0.60 7.36
C GLU C 72 3.13 -1.92 7.65
N ASN C 73 3.92 -2.97 7.81
CA ASN C 73 3.42 -4.27 8.24
C ASN C 73 4.58 -5.06 8.80
N THR C 74 4.25 -6.12 9.53
CA THR C 74 5.28 -6.97 10.11
C THR C 74 5.89 -7.85 9.02
N GLN C 75 7.21 -7.81 8.89
CA GLN C 75 7.87 -8.47 7.78
C GLN C 75 8.64 -9.70 8.27
N SER C 76 9.40 -10.29 7.35
CA SER C 76 10.11 -11.52 7.63
C SER C 76 11.46 -11.48 6.93
N ASP C 77 12.20 -12.58 7.03
CA ASP C 77 13.52 -12.68 6.42
C ASP C 77 13.86 -14.15 6.27
N ALA C 78 15.07 -14.41 5.77
CA ALA C 78 15.51 -15.79 5.59
C ALA C 78 15.76 -16.47 6.92
N ASP C 79 16.19 -15.71 7.93
CA ASP C 79 16.51 -16.27 9.24
C ASP C 79 15.36 -16.11 10.22
N ASN C 80 14.88 -14.90 10.41
CA ASN C 80 13.83 -14.60 11.39
C ASN C 80 12.46 -14.74 10.74
N ALA C 81 11.56 -15.43 11.42
CA ALA C 81 10.21 -15.66 10.90
C ALA C 81 9.25 -14.52 11.23
N MET C 82 9.67 -13.56 12.06
CA MET C 82 8.83 -12.40 12.35
C MET C 82 9.72 -11.25 12.76
N ILE C 83 9.55 -10.10 12.12
CA ILE C 83 10.24 -8.86 12.48
C ILE C 83 9.19 -7.75 12.53
N ALA C 84 9.14 -7.05 13.65
CA ALA C 84 8.20 -5.96 13.83
C ALA C 84 8.88 -4.76 14.48
N LEU C 85 8.55 -3.56 14.02
CA LEU C 85 9.08 -2.32 14.55
C LEU C 85 7.98 -1.58 15.30
N CYS C 86 8.16 -1.42 16.61
CA CYS C 86 7.14 -0.88 17.49
C CYS C 86 7.63 0.43 18.09
N GLU C 87 6.90 1.51 17.85
CA GLU C 87 7.30 2.83 18.29
C GLU C 87 6.83 3.10 19.72
N LEU C 88 7.71 3.72 20.51
CA LEU C 88 7.41 4.08 21.89
C LEU C 88 7.20 5.57 22.08
N ALA C 89 7.56 6.39 21.11
CA ALA C 89 7.38 7.83 21.18
C ALA C 89 6.78 8.30 19.86
N ASP C 90 6.33 9.56 19.85
CA ASP C 90 5.57 10.04 18.69
C ASP C 90 6.46 10.22 17.47
N GLU C 91 7.45 11.10 17.56
CA GLU C 91 8.33 11.35 16.42
C GLU C 91 9.78 11.55 16.84
N GLY C 92 10.08 11.53 18.14
CA GLY C 92 11.45 11.65 18.60
C GLY C 92 11.85 10.50 19.49
N SER C 93 12.75 10.77 20.44
CA SER C 93 13.27 9.75 21.33
C SER C 93 12.95 10.11 22.77
N ILE C 94 12.74 9.09 23.59
CA ILE C 94 12.38 9.32 24.99
C ILE C 94 13.52 10.04 25.69
N TYR C 95 13.24 11.23 26.21
CA TYR C 95 14.24 12.07 26.84
C TYR C 95 14.49 11.61 28.27
N LEU C 96 15.74 11.29 28.59
CA LEU C 96 16.13 10.88 29.92
C LEU C 96 17.13 11.86 30.52
N ALA C 97 17.05 12.02 31.84
CA ALA C 97 17.97 12.88 32.57
C ALA C 97 19.29 12.18 32.81
N ASP C 98 20.08 12.70 33.74
CA ASP C 98 21.45 12.24 33.94
C ASP C 98 21.53 10.73 34.09
N LYS C 99 20.72 10.14 34.98
CA LYS C 99 20.84 8.73 35.29
C LYS C 99 19.52 7.97 35.19
N GLU C 100 18.53 8.52 34.49
CA GLU C 100 17.29 7.79 34.25
C GLU C 100 17.54 6.64 33.27
N SER C 101 16.66 5.64 33.32
CA SER C 101 16.82 4.47 32.47
C SER C 101 15.45 3.87 32.15
N ILE C 102 15.45 2.99 31.16
CA ILE C 102 14.25 2.28 30.71
C ILE C 102 14.48 0.79 30.94
N LYS C 103 13.53 0.15 31.63
CA LYS C 103 13.63 -1.26 31.96
C LYS C 103 12.57 -2.05 31.22
N ILE C 104 13.01 -3.08 30.50
CA ILE C 104 12.17 -3.90 29.64
C ILE C 104 12.26 -5.34 30.12
N THR C 105 11.15 -6.06 30.08
CA THR C 105 11.14 -7.46 30.49
C THR C 105 10.14 -8.24 29.65
N LEU C 106 10.44 -9.53 29.47
CA LEU C 106 9.60 -10.47 28.74
C LEU C 106 9.25 -11.64 29.65
N GLU C 107 8.01 -12.10 29.54
CA GLU C 107 7.50 -13.16 30.42
C GLU C 107 6.72 -14.18 29.60
N ASP C 108 6.64 -15.39 30.16
CA ASP C 108 5.85 -16.49 29.59
C ASP C 108 6.31 -16.83 28.17
N LEU C 109 7.59 -17.15 28.05
CA LEU C 109 8.19 -17.50 26.78
C LEU C 109 8.11 -19.02 26.56
N ILE C 110 8.74 -19.48 25.50
CA ILE C 110 8.84 -20.91 25.20
C ILE C 110 10.31 -21.28 25.15
N SER C 111 10.66 -22.42 25.74
CA SER C 111 12.06 -22.76 25.94
C SER C 111 12.80 -22.98 24.61
N ASP C 112 12.15 -23.62 23.65
CA ASP C 112 12.79 -24.02 22.41
C ASP C 112 12.63 -22.99 21.30
N LYS C 113 12.43 -21.72 21.65
CA LYS C 113 12.30 -20.65 20.67
C LYS C 113 13.36 -19.59 20.94
N ARG C 114 13.40 -18.59 20.07
CA ARG C 114 14.39 -17.51 20.15
C ARG C 114 13.69 -16.17 20.01
N TYR C 115 14.16 -15.18 20.77
CA TYR C 115 13.61 -13.83 20.71
C TYR C 115 14.76 -12.83 20.78
N ASP C 116 14.70 -11.80 19.93
CA ASP C 116 15.73 -10.77 19.88
C ASP C 116 15.10 -9.40 19.98
N LEU C 117 15.73 -8.54 20.78
CA LEU C 117 15.32 -7.15 20.94
C LEU C 117 16.39 -6.22 20.37
N HIS C 118 15.95 -5.16 19.70
CA HIS C 118 16.84 -4.11 19.23
C HIS C 118 16.25 -2.75 19.59
N GLY C 119 17.13 -1.77 19.76
CA GLY C 119 16.71 -0.40 20.08
C GLY C 119 17.08 0.55 18.96
N ILE C 120 16.18 1.49 18.67
CA ILE C 120 16.37 2.49 17.63
C ILE C 120 16.30 3.86 18.28
N GLU C 121 17.36 4.64 18.12
CA GLU C 121 17.39 6.03 18.57
C GLU C 121 17.45 6.94 17.35
N GLU C 122 16.95 8.16 17.51
CA GLU C 122 16.84 9.12 16.43
C GLU C 122 17.14 10.52 16.93
N PRO C 123 17.57 11.43 16.05
CA PRO C 123 18.14 12.71 16.52
C PRO C 123 17.19 13.56 17.35
N GLN C 124 15.90 13.56 17.06
CA GLN C 124 14.97 14.39 17.81
C GLN C 124 14.66 13.75 19.16
N GLN C 125 14.44 14.60 20.16
CA GLN C 125 13.99 14.17 21.48
C GLN C 125 12.59 14.69 21.74
N THR C 126 11.74 13.83 22.28
CA THR C 126 10.34 14.18 22.47
C THR C 126 9.90 13.76 23.85
N ASN C 127 8.78 14.35 24.28
CA ASN C 127 8.18 14.06 25.58
C ASN C 127 6.86 13.33 25.45
N ASN C 128 6.24 13.33 24.26
CA ASN C 128 5.00 12.59 24.04
C ASN C 128 5.29 11.10 23.96
N LEU C 129 4.55 10.30 24.71
CA LEU C 129 4.77 8.87 24.78
C LEU C 129 3.47 8.11 24.53
N PHE C 130 3.65 6.85 24.11
CA PHE C 130 2.56 5.93 23.82
C PHE C 130 2.33 5.01 25.00
N PHE C 131 1.09 4.95 25.48
CA PHE C 131 0.70 4.13 26.61
C PHE C 131 -0.27 3.05 26.15
N PHE C 132 -0.05 1.83 26.64
CA PHE C 132 -0.89 0.69 26.34
C PHE C 132 -1.70 0.31 27.57
N GLU C 133 -3.00 0.14 27.39
CA GLU C 133 -3.90 -0.14 28.50
C GLU C 133 -4.75 -1.36 28.15
N GLN C 134 -5.17 -2.07 29.19
CA GLN C 134 -5.97 -3.29 29.05
C GLN C 134 -7.34 -3.04 29.65
N LYS C 135 -8.39 -3.41 28.92
CA LYS C 135 -9.76 -3.31 29.38
C LYS C 135 -10.47 -4.62 29.10
N SER C 136 -11.51 -4.90 29.86
CA SER C 136 -12.14 -6.21 29.76
C SER C 136 -13.64 -6.11 29.99
N VAL C 137 -14.35 -7.10 29.46
CA VAL C 137 -15.78 -7.28 29.70
C VAL C 137 -15.97 -8.67 30.28
N ALA C 138 -16.60 -8.74 31.45
CA ALA C 138 -16.72 -9.98 32.21
C ALA C 138 -17.65 -10.96 31.51
N SER C 139 -17.77 -12.15 32.09
CA SER C 139 -18.57 -13.22 31.50
C SER C 139 -20.03 -13.20 31.95
N GLU C 140 -20.42 -12.26 32.81
CA GLU C 140 -21.78 -12.20 33.33
C GLU C 140 -22.38 -10.83 33.04
N GLU C 141 -21.96 -10.24 31.93
CA GLU C 141 -22.36 -8.88 31.56
C GLU C 141 -22.98 -8.92 30.17
N PHE C 142 -24.25 -8.53 30.08
CA PHE C 142 -24.91 -8.47 28.77
C PHE C 142 -24.37 -7.32 27.93
N ASN C 143 -24.12 -6.16 28.54
CA ASN C 143 -23.63 -5.02 27.78
C ASN C 143 -22.74 -4.16 28.67
N LYS C 144 -21.74 -3.54 28.06
CA LYS C 144 -20.80 -2.70 28.78
C LYS C 144 -20.47 -1.47 27.92
N LYS C 145 -20.30 -0.35 28.61
CA LYS C 145 -20.02 0.97 28.01
C LYS C 145 -18.58 1.34 28.36
N ILE C 146 -17.75 1.48 27.33
CA ILE C 146 -16.34 1.80 27.53
C ILE C 146 -16.06 3.19 26.97
N ASP C 147 -15.44 4.05 27.78
CA ASP C 147 -15.10 5.39 27.32
C ASP C 147 -13.69 5.39 26.74
N VAL C 148 -13.57 5.81 25.48
CA VAL C 148 -12.29 5.74 24.77
C VAL C 148 -11.89 7.11 24.24
N GLN C 149 -12.32 8.17 24.91
CA GLN C 149 -11.93 9.51 24.49
C GLN C 149 -10.44 9.72 24.71
N GLY C 150 -9.76 10.18 23.67
CA GLY C 150 -8.32 10.33 23.69
C GLY C 150 -7.54 9.13 23.19
N PHE C 151 -8.20 8.01 22.94
CA PHE C 151 -7.57 6.84 22.36
C PHE C 151 -7.63 6.92 20.84
N ASP C 152 -6.69 6.23 20.18
CA ASP C 152 -6.61 6.29 18.73
C ASP C 152 -6.59 4.94 18.05
N LEU C 153 -6.59 3.84 18.80
CA LEU C 153 -6.50 2.52 18.18
C LEU C 153 -6.78 1.47 19.25
N ALA C 154 -7.48 0.41 18.85
CA ALA C 154 -7.81 -0.65 19.81
C ALA C 154 -7.68 -2.01 19.15
N ILE C 155 -7.44 -3.03 19.96
CA ILE C 155 -7.38 -4.41 19.49
C ILE C 155 -8.31 -5.23 20.37
N MET C 156 -9.27 -5.91 19.75
CA MET C 156 -10.25 -6.69 20.48
C MET C 156 -10.10 -8.17 20.16
N THR C 157 -10.40 -9.01 21.15
CA THR C 157 -10.35 -10.46 21.00
C THR C 157 -11.67 -10.93 20.38
N VAL C 158 -11.56 -11.69 19.29
CA VAL C 158 -12.75 -12.14 18.57
C VAL C 158 -13.28 -13.42 19.19
N ASP C 159 -14.58 -13.43 19.49
CA ASP C 159 -15.25 -14.64 19.95
C ASP C 159 -16.69 -14.61 19.45
N ASP C 160 -17.33 -15.78 19.44
CA ASP C 160 -18.63 -15.91 18.80
C ASP C 160 -19.75 -15.26 19.63
N SER C 161 -19.46 -14.87 20.86
CA SER C 161 -20.50 -14.35 21.74
C SER C 161 -21.00 -12.98 21.30
N VAL C 162 -20.14 -12.17 20.69
CA VAL C 162 -20.49 -10.79 20.36
C VAL C 162 -21.58 -10.79 19.31
N SER C 163 -22.60 -9.94 19.50
CA SER C 163 -23.67 -9.75 18.54
C SER C 163 -23.48 -8.48 17.71
N ASP C 164 -23.22 -7.36 18.37
CA ASP C 164 -22.99 -6.08 17.70
C ASP C 164 -22.00 -5.26 18.50
N LEU C 165 -21.76 -4.04 18.05
CA LEU C 165 -20.89 -3.11 18.77
C LEU C 165 -21.22 -1.71 18.29
N SER C 166 -21.39 -0.77 19.22
CA SER C 166 -21.90 0.55 18.90
C SER C 166 -20.84 1.62 19.13
N TYR C 167 -20.68 2.51 18.17
CA TYR C 167 -19.81 3.66 18.29
C TYR C 167 -20.63 4.90 18.65
N GLN C 168 -20.03 5.78 19.45
CA GLN C 168 -20.62 7.08 19.76
C GLN C 168 -19.59 8.14 19.46
N TYR C 169 -19.90 9.01 18.51
CA TYR C 169 -18.98 10.00 17.96
C TYR C 169 -19.09 11.32 18.72
N SER C 170 -18.26 12.28 18.30
CA SER C 170 -18.28 13.60 18.93
C SER C 170 -19.58 14.34 18.66
N ASN C 171 -20.23 14.04 17.53
CA ASN C 171 -21.51 14.64 17.19
C ASN C 171 -22.64 14.20 18.11
N GLY C 172 -22.53 13.05 18.74
CA GLY C 172 -23.61 12.46 19.50
C GLY C 172 -24.30 11.31 18.81
N GLN C 173 -24.06 11.11 17.52
CA GLN C 173 -24.68 10.02 16.79
C GLN C 173 -24.13 8.68 17.24
N VAL C 174 -24.99 7.66 17.22
CA VAL C 174 -24.61 6.29 17.53
C VAL C 174 -24.82 5.44 16.29
N VAL C 175 -23.84 4.60 15.98
CA VAL C 175 -23.89 3.70 14.84
C VAL C 175 -23.63 2.29 15.34
N LYS C 176 -24.44 1.34 14.91
CA LYS C 176 -24.33 -0.05 15.31
C LYS C 176 -23.70 -0.87 14.19
N TYR C 177 -22.62 -1.57 14.52
CA TYR C 177 -21.88 -2.39 13.58
C TYR C 177 -21.96 -3.85 14.01
N LEU C 178 -21.75 -4.73 13.07
CA LEU C 178 -21.62 -6.15 13.33
C LEU C 178 -20.16 -6.56 13.29
N PRO C 179 -19.80 -7.74 13.79
CA PRO C 179 -18.38 -8.17 13.68
C PRO C 179 -17.89 -8.22 12.24
N PHE C 180 -18.72 -8.70 11.32
CA PHE C 180 -18.31 -8.76 9.91
C PHE C 180 -18.15 -7.37 9.32
N GLU C 181 -19.07 -6.47 9.65
CA GLU C 181 -18.97 -5.09 9.17
C GLU C 181 -17.72 -4.42 9.72
N LEU C 182 -17.40 -4.66 10.99
CA LEU C 182 -16.19 -4.12 11.58
C LEU C 182 -14.95 -4.65 10.88
N GLN C 183 -14.93 -5.96 10.59
CA GLN C 183 -13.79 -6.54 9.90
C GLN C 183 -13.61 -5.93 8.51
N THR C 184 -14.70 -5.78 7.77
CA THR C 184 -14.62 -5.21 6.42
C THR C 184 -14.16 -3.75 6.47
N LEU C 185 -14.69 -2.97 7.41
CA LEU C 185 -14.27 -1.59 7.54
C LEU C 185 -12.80 -1.49 7.92
N SER C 186 -12.33 -2.36 8.82
CA SER C 186 -10.93 -2.36 9.22
C SER C 186 -10.02 -2.70 8.05
N ARG C 187 -10.38 -3.71 7.27
CA ARG C 187 -9.55 -4.10 6.13
C ARG C 187 -9.63 -3.11 5.00
N ASP C 188 -10.67 -2.27 4.95
CA ASP C 188 -10.72 -1.20 3.96
C ASP C 188 -9.55 -0.23 4.14
N ILE C 189 -9.24 0.11 5.39
CA ILE C 189 -8.16 1.07 5.65
C ILE C 189 -6.80 0.39 5.57
N ASP C 190 -6.67 -0.80 6.16
CA ASP C 190 -5.41 -1.54 6.20
C ASP C 190 -5.60 -2.89 5.50
N PRO C 191 -5.21 -3.02 4.23
CA PRO C 191 -5.48 -4.29 3.52
C PRO C 191 -4.62 -5.45 3.98
N ILE C 192 -3.33 -5.22 4.23
CA ILE C 192 -2.38 -6.29 4.50
C ILE C 192 -1.79 -6.07 5.88
N GLN C 193 -1.77 -7.14 6.69
CA GLN C 193 -1.24 -7.07 8.05
C GLN C 193 0.14 -7.67 8.20
N ALA C 194 0.47 -8.71 7.42
CA ALA C 194 1.81 -9.29 7.52
C ALA C 194 2.17 -9.96 6.21
N VAL C 195 3.48 -10.14 6.00
CA VAL C 195 4.02 -10.82 4.84
C VAL C 195 4.86 -12.01 5.32
N LEU C 196 4.57 -13.18 4.78
CA LEU C 196 5.24 -14.40 5.22
C LEU C 196 6.58 -14.56 4.52
N SER C 197 7.40 -15.48 5.04
CA SER C 197 8.75 -15.68 4.52
C SER C 197 8.72 -16.21 3.10
N ASP C 198 7.83 -17.16 2.81
CA ASP C 198 7.79 -17.73 1.46
C ASP C 198 7.35 -16.72 0.42
N GLY C 199 6.42 -15.83 0.77
CA GLY C 199 5.98 -14.80 -0.16
C GLY C 199 4.52 -14.46 -0.05
N LYS C 200 3.73 -15.32 0.59
CA LYS C 200 2.31 -15.06 0.74
C LYS C 200 2.07 -13.99 1.80
N VAL C 201 0.92 -13.33 1.70
CA VAL C 201 0.55 -12.26 2.61
C VAL C 201 -0.62 -12.74 3.46
N VAL C 202 -0.82 -12.08 4.60
CA VAL C 202 -1.98 -12.32 5.44
C VAL C 202 -2.62 -10.98 5.79
N GLN C 203 -3.92 -10.87 5.56
CA GLN C 203 -4.68 -9.64 5.73
C GLN C 203 -5.07 -9.37 7.17
N GLY C 204 -4.91 -10.35 8.06
CA GLY C 204 -5.26 -10.17 9.45
C GLY C 204 -5.41 -11.49 10.17
N LEU C 205 -5.10 -11.50 11.47
CA LEU C 205 -5.23 -12.70 12.27
C LEU C 205 -6.71 -13.05 12.45
N THR C 206 -6.97 -14.34 12.65
CA THR C 206 -8.32 -14.85 12.74
C THR C 206 -8.93 -14.72 14.13
N ASP C 207 -8.15 -14.28 15.12
CA ASP C 207 -8.67 -14.16 16.48
C ASP C 207 -8.48 -12.78 17.09
N ARG C 208 -7.87 -11.84 16.37
CA ARG C 208 -7.68 -10.48 16.86
C ARG C 208 -8.14 -9.49 15.80
N LEU C 209 -8.85 -8.46 16.22
CA LEU C 209 -9.37 -7.45 15.29
C LEU C 209 -8.87 -6.08 15.72
N THR C 210 -8.45 -5.29 14.74
CA THR C 210 -7.89 -3.97 15.00
C THR C 210 -8.88 -2.90 14.54
N LEU C 211 -9.18 -1.95 15.43
CA LEU C 211 -10.15 -0.90 15.16
C LEU C 211 -9.48 0.45 15.26
N PRO C 212 -9.52 1.27 14.21
CA PRO C 212 -9.06 2.66 14.29
C PRO C 212 -10.18 3.56 14.80
N LEU C 213 -9.94 4.23 15.92
CA LEU C 213 -10.94 5.10 16.55
C LEU C 213 -10.63 6.54 16.21
N VAL C 214 -11.39 7.11 15.27
CA VAL C 214 -11.24 8.50 14.87
C VAL C 214 -12.54 9.24 15.22
N ALA C 215 -12.41 10.32 16.00
CA ALA C 215 -13.55 11.11 16.46
C ALA C 215 -14.58 10.24 17.18
N VAL C 216 -14.10 9.25 17.92
CA VAL C 216 -14.95 8.28 18.61
C VAL C 216 -14.87 8.59 20.09
N VAL C 217 -16.05 8.76 20.72
CA VAL C 217 -16.11 9.11 22.14
C VAL C 217 -16.49 7.92 23.02
N GLY C 218 -17.32 7.00 22.53
CA GLY C 218 -17.73 5.90 23.38
C GLY C 218 -17.99 4.61 22.64
N ILE C 219 -17.91 3.49 23.34
CA ILE C 219 -18.15 2.18 22.74
C ILE C 219 -19.17 1.43 23.58
N GLU C 220 -20.07 0.74 22.90
CA GLU C 220 -21.03 -0.18 23.50
C GLU C 220 -20.71 -1.58 22.99
N ILE C 221 -20.67 -2.54 23.89
CA ILE C 221 -20.49 -3.93 23.49
C ILE C 221 -21.65 -4.76 24.04
N ASN C 222 -22.32 -5.50 23.17
CA ASN C 222 -23.38 -6.41 23.56
C ASN C 222 -22.94 -7.84 23.28
N LYS C 223 -23.39 -8.76 24.12
CA LYS C 223 -23.03 -10.16 23.98
C LYS C 223 -24.02 -11.02 24.75
N SER C 224 -23.83 -12.33 24.64
CA SER C 224 -24.53 -13.31 25.45
C SER C 224 -23.59 -13.83 26.51
N GLN C 225 -24.15 -14.21 27.66
CA GLN C 225 -23.34 -14.59 28.81
C GLN C 225 -22.49 -15.81 28.50
N GLY C 226 -21.26 -15.81 29.03
CA GLY C 226 -20.44 -17.00 28.95
C GLY C 226 -18.95 -16.79 28.73
N SER C 227 -18.55 -15.64 28.21
CA SER C 227 -17.16 -15.43 27.83
C SER C 227 -16.69 -14.04 28.28
N ILE C 228 -15.38 -13.93 28.47
CA ILE C 228 -14.71 -12.67 28.80
C ILE C 228 -14.06 -12.14 27.54
N ILE C 229 -14.28 -10.85 27.26
CA ILE C 229 -13.79 -10.21 26.04
C ILE C 229 -12.73 -9.18 26.40
N ASN C 230 -11.60 -9.23 25.71
CA ASN C 230 -10.43 -8.41 26.05
C ASN C 230 -10.17 -7.36 24.98
N PHE C 231 -9.85 -6.15 25.45
CA PHE C 231 -9.40 -5.04 24.62
C PHE C 231 -8.00 -4.63 25.06
N VAL C 232 -7.22 -4.18 24.09
CA VAL C 232 -5.92 -3.55 24.34
C VAL C 232 -5.91 -2.23 23.55
N VAL C 233 -5.87 -1.11 24.26
CA VAL C 233 -5.97 0.20 23.64
C VAL C 233 -4.65 0.93 23.77
N ARG C 234 -4.45 1.92 22.92
CA ARG C 234 -3.23 2.72 22.91
C ARG C 234 -3.59 4.19 22.88
N CYS C 235 -2.85 4.99 23.64
CA CYS C 235 -3.05 6.43 23.66
C CYS C 235 -1.70 7.13 23.58
N LEU C 236 -1.73 8.39 23.18
CA LEU C 236 -0.56 9.24 23.09
C LEU C 236 -0.75 10.44 24.02
N LYS C 237 0.20 10.67 24.92
CA LYS C 237 0.06 11.80 25.82
C LYS C 237 1.41 12.30 26.28
N THR C 238 1.43 13.55 26.74
CA THR C 238 2.64 14.24 27.15
C THR C 238 2.90 14.02 28.63
N VAL C 239 4.13 13.65 28.96
CA VAL C 239 4.51 13.43 30.35
C VAL C 239 5.76 14.23 30.68
#